data_6Y0J
#
_entry.id   6Y0J
#
_cell.length_a   67.573
_cell.length_b   67.573
_cell.length_c   373.866
_cell.angle_alpha   90.000
_cell.angle_beta   90.000
_cell.angle_gamma   120.000
#
_symmetry.space_group_name_H-M   'P 61'
#
loop_
_entity.id
_entity.type
_entity.pdbx_description
1 polymer 'Cytochrome c iso-1'
2 non-polymer 'HEME C'
3 non-polymer phosphonato-calix[6]arene
4 non-polymer sulfonato-calix[8]arene
5 water water
#
_entity_poly.entity_id   1
_entity_poly.type   'polypeptide(L)'
_entity_poly.pdbx_seq_one_letter_code
;AEFKAGSAKKGATLFKTRCLQCHTVEKGGPHKVGPNLHGIFGRHSGQAEGYSYTDANIKKNVLWDENNMSEYLTNPKKYI
PGTKMAFGGLKKEKDRNDLITYLKKATE
;
_entity_poly.pdbx_strand_id   A,B,C,D
#
loop_
_chem_comp.id
_chem_comp.type
_chem_comp.name
_chem_comp.formula
7AZ non-polymer phosphonato-calix[6]arene 'C42 H42 O24 P6'
EVB non-polymer sulfonato-calix[8]arene 'C56 H48 O32 S8'
HEC non-polymer 'HEME C' 'C34 H34 Fe N4 O4'
#
# COMPACT_ATOMS: atom_id res chain seq x y z
N GLU A 2 10.50 -21.58 13.26
CA GLU A 2 11.91 -21.24 13.18
C GLU A 2 12.60 -21.92 11.99
N PHE A 3 12.88 -21.12 10.94
CA PHE A 3 13.59 -21.57 9.74
C PHE A 3 15.05 -21.81 10.11
N LYS A 4 15.68 -22.86 9.56
CA LYS A 4 17.09 -23.08 9.83
C LYS A 4 17.92 -23.21 8.55
N ALA A 5 17.61 -24.21 7.70
CA ALA A 5 18.33 -24.44 6.46
C ALA A 5 17.45 -25.09 5.39
N GLY A 6 17.90 -25.02 4.15
CA GLY A 6 17.22 -25.61 3.01
C GLY A 6 18.14 -25.86 1.84
N SER A 7 17.54 -26.17 0.68
CA SER A 7 18.25 -26.45 -0.57
C SER A 7 17.92 -25.37 -1.57
N ALA A 8 18.92 -24.55 -1.93
CA ALA A 8 18.73 -23.47 -2.91
C ALA A 8 18.46 -24.01 -4.32
N LYS A 9 18.59 -25.35 -4.51
CA LYS A 9 18.32 -26.04 -5.77
C LYS A 9 16.81 -26.26 -5.94
N LYS A 10 16.13 -26.78 -4.89
CA LYS A 10 14.69 -27.00 -4.87
C LYS A 10 13.96 -25.69 -4.62
N GLY A 11 14.63 -24.80 -3.89
CA GLY A 11 14.14 -23.46 -3.58
C GLY A 11 14.05 -22.61 -4.84
N ALA A 12 14.96 -22.85 -5.79
CA ALA A 12 14.96 -22.16 -7.08
C ALA A 12 13.78 -22.63 -7.93
N THR A 13 13.55 -23.97 -8.00
CA THR A 13 12.48 -24.59 -8.78
C THR A 13 11.11 -24.25 -8.22
N LEU A 14 11.04 -23.94 -6.92
CA LEU A 14 9.82 -23.52 -6.22
C LEU A 14 9.47 -22.08 -6.63
N PHE A 15 10.50 -21.22 -6.70
CA PHE A 15 10.41 -19.82 -7.11
C PHE A 15 9.93 -19.73 -8.58
N LYS A 16 10.63 -20.43 -9.51
CA LYS A 16 10.33 -20.43 -10.95
C LYS A 16 8.87 -20.77 -11.29
N THR A 17 8.16 -21.49 -10.42
CA THR A 17 6.76 -21.90 -10.63
C THR A 17 5.73 -21.05 -9.90
N ARG A 18 6.05 -20.55 -8.69
CA ARG A 18 5.11 -19.80 -7.84
C ARG A 18 5.45 -18.30 -7.61
N CYS A 19 6.64 -17.84 -8.03
CA CYS A 19 7.09 -16.46 -7.79
C CYS A 19 7.45 -15.66 -9.06
N LEU A 20 8.22 -16.28 -9.99
CA LEU A 20 8.76 -15.65 -11.21
C LEU A 20 7.75 -14.85 -12.06
N GLN A 21 6.47 -15.26 -12.13
CA GLN A 21 5.45 -14.53 -12.90
C GLN A 21 5.37 -13.01 -12.55
N CYS A 22 5.39 -12.69 -11.24
CA CYS A 22 5.32 -11.31 -10.74
C CYS A 22 6.67 -10.74 -10.33
N HIS A 23 7.61 -11.60 -9.88
CA HIS A 23 8.90 -11.13 -9.36
C HIS A 23 10.13 -11.43 -10.21
N THR A 24 11.23 -10.73 -9.87
CA THR A 24 12.57 -10.88 -10.46
C THR A 24 13.58 -10.82 -9.33
N VAL A 25 14.64 -11.59 -9.41
CA VAL A 25 15.68 -11.50 -8.39
C VAL A 25 16.82 -10.66 -9.00
N GLU A 26 18.12 -11.04 -8.85
CA GLU A 26 19.32 -10.34 -9.38
C GLU A 26 19.40 -8.83 -8.99
N LYS A 27 20.46 -8.12 -9.44
CA LYS A 27 20.67 -6.69 -9.17
C LYS A 27 20.33 -5.89 -10.41
N GLY A 28 19.33 -5.02 -10.29
CA GLY A 28 18.86 -4.20 -11.39
C GLY A 28 17.85 -4.92 -12.25
N GLY A 29 17.08 -5.81 -11.63
CA GLY A 29 16.03 -6.57 -12.28
C GLY A 29 14.77 -5.76 -12.46
N PRO A 30 14.01 -5.96 -13.56
CA PRO A 30 12.81 -5.15 -13.78
C PRO A 30 11.63 -5.46 -12.87
N HIS A 31 10.87 -4.41 -12.53
CA HIS A 31 9.64 -4.51 -11.76
C HIS A 31 8.60 -5.00 -12.76
N LYS A 32 8.00 -6.18 -12.51
CA LYS A 32 7.07 -6.81 -13.44
C LYS A 32 5.60 -6.59 -13.08
N VAL A 33 5.17 -7.13 -11.93
CA VAL A 33 3.82 -7.01 -11.36
C VAL A 33 4.06 -6.72 -9.89
N GLY A 34 5.08 -7.41 -9.36
CA GLY A 34 5.61 -7.25 -8.01
C GLY A 34 6.96 -6.54 -8.09
N PRO A 35 7.52 -6.11 -6.94
CA PRO A 35 8.80 -5.38 -7.00
C PRO A 35 10.03 -6.26 -7.19
N ASN A 36 11.19 -5.64 -7.41
CA ASN A 36 12.43 -6.39 -7.51
C ASN A 36 12.87 -6.71 -6.07
N LEU A 37 13.05 -8.00 -5.77
CA LEU A 37 13.37 -8.49 -4.42
C LEU A 37 14.86 -8.42 -4.01
N HIS A 38 15.74 -7.75 -4.79
CA HIS A 38 17.17 -7.65 -4.41
C HIS A 38 17.36 -6.90 -3.08
N GLY A 39 18.22 -7.44 -2.21
CA GLY A 39 18.52 -6.90 -0.90
C GLY A 39 17.34 -6.79 0.05
N ILE A 40 16.28 -7.62 -0.17
CA ILE A 40 15.05 -7.63 0.63
C ILE A 40 15.33 -7.97 2.09
N PHE A 41 16.26 -8.91 2.33
CA PHE A 41 16.67 -9.32 3.67
C PHE A 41 17.57 -8.25 4.26
N GLY A 42 17.13 -7.70 5.38
CA GLY A 42 17.81 -6.60 6.06
C GLY A 42 17.41 -5.29 5.42
N ARG A 43 16.11 -5.15 5.10
CA ARG A 43 15.49 -3.99 4.46
C ARG A 43 14.00 -3.97 4.81
N HIS A 44 13.46 -2.78 5.15
CA HIS A 44 12.07 -2.61 5.53
C HIS A 44 11.08 -2.77 4.37
N SER A 45 9.83 -3.15 4.71
CA SER A 45 8.74 -3.39 3.76
C SER A 45 8.30 -2.10 3.03
N GLY A 46 8.43 -2.13 1.71
CA GLY A 46 8.09 -1.00 0.86
C GLY A 46 9.21 0.02 0.82
N GLN A 47 10.44 -0.43 0.44
CA GLN A 47 11.64 0.41 0.35
C GLN A 47 12.35 0.29 -1.02
N ALA A 48 11.84 -0.56 -1.93
CA ALA A 48 12.41 -0.74 -3.28
C ALA A 48 12.08 0.49 -4.11
N GLU A 49 13.11 1.15 -4.64
CA GLU A 49 12.98 2.39 -5.41
C GLU A 49 12.26 2.20 -6.75
N GLY A 50 11.34 3.11 -7.05
CA GLY A 50 10.58 3.08 -8.30
C GLY A 50 9.35 2.20 -8.35
N TYR A 51 8.96 1.61 -7.21
CA TYR A 51 7.77 0.76 -7.12
C TYR A 51 6.68 1.39 -6.25
N SER A 52 5.43 1.28 -6.72
CA SER A 52 4.23 1.79 -6.06
C SER A 52 3.55 0.70 -5.21
N TYR A 53 3.80 0.72 -3.89
CA TYR A 53 3.26 -0.22 -2.91
C TYR A 53 1.91 0.23 -2.36
N THR A 54 1.18 -0.70 -1.70
CA THR A 54 -0.08 -0.35 -1.05
C THR A 54 0.30 0.28 0.29
N ASP A 55 -0.54 1.21 0.78
CA ASP A 55 -0.33 1.91 2.05
C ASP A 55 0.02 0.93 3.17
N ALA A 56 -0.72 -0.21 3.23
CA ALA A 56 -0.58 -1.32 4.17
C ALA A 56 0.81 -1.95 4.20
N ASN A 57 1.42 -2.21 3.01
CA ASN A 57 2.76 -2.78 2.91
C ASN A 57 3.80 -1.88 3.59
N ILE A 58 3.62 -0.55 3.46
CA ILE A 58 4.48 0.47 4.07
C ILE A 58 4.14 0.61 5.56
N LYS A 59 2.84 0.50 5.90
CA LYS A 59 2.31 0.59 7.27
C LYS A 59 2.91 -0.48 8.16
N LYS A 60 3.03 -1.74 7.65
CA LYS A 60 3.55 -2.90 8.37
C LYS A 60 4.89 -2.62 9.05
N ASN A 61 5.81 -1.93 8.33
CA ASN A 61 7.13 -1.51 8.81
C ASN A 61 7.88 -2.63 9.55
N VAL A 62 8.20 -3.70 8.81
CA VAL A 62 8.92 -4.87 9.34
C VAL A 62 10.23 -5.07 8.59
N LEU A 63 11.33 -5.19 9.35
CA LEU A 63 12.66 -5.44 8.83
C LEU A 63 12.68 -6.91 8.42
N TRP A 64 12.68 -7.15 7.10
CA TRP A 64 12.63 -8.49 6.52
C TRP A 64 13.78 -9.41 6.94
N ASP A 65 13.42 -10.43 7.73
CA ASP A 65 14.33 -11.48 8.20
C ASP A 65 13.70 -12.82 7.83
N GLU A 66 14.46 -13.92 7.95
CA GLU A 66 14.00 -15.27 7.59
C GLU A 66 12.73 -15.70 8.33
N ASN A 67 12.61 -15.31 9.62
CA ASN A 67 11.45 -15.63 10.46
C ASN A 67 10.22 -14.79 10.07
N ASN A 68 10.42 -13.52 9.68
CA ASN A 68 9.37 -12.60 9.23
C ASN A 68 8.79 -13.07 7.89
N MET A 69 9.68 -13.47 6.95
CA MET A 69 9.35 -13.96 5.61
C MET A 69 8.55 -15.27 5.63
N SER A 70 8.96 -16.25 6.47
CA SER A 70 8.30 -17.55 6.58
C SER A 70 6.86 -17.41 7.10
N GLU A 71 6.65 -16.49 8.06
CA GLU A 71 5.33 -16.19 8.64
C GLU A 71 4.43 -15.53 7.59
N TYR A 72 5.05 -14.74 6.69
CA TYR A 72 4.40 -14.01 5.60
C TYR A 72 4.03 -14.96 4.46
N LEU A 73 4.96 -15.83 4.02
CA LEU A 73 4.76 -16.74 2.91
C LEU A 73 3.78 -17.89 3.22
N THR A 74 3.30 -18.01 4.47
CA THR A 74 2.29 -19.00 4.84
C THR A 74 0.98 -18.46 4.25
N ASN A 75 0.56 -17.25 4.65
CA ASN A 75 -0.61 -16.54 4.14
C ASN A 75 -0.24 -15.04 3.99
N PRO A 76 0.11 -14.56 2.76
CA PRO A 76 0.52 -13.14 2.60
C PRO A 76 -0.57 -12.12 2.90
N LYS A 77 -1.83 -12.47 2.60
CA LYS A 77 -2.96 -11.57 2.82
C LYS A 77 -3.36 -11.49 4.30
N LYS A 78 -2.96 -12.49 5.13
CA LYS A 78 -3.24 -12.49 6.57
C LYS A 78 -2.20 -11.65 7.32
N TYR A 79 -0.88 -11.87 7.04
CA TYR A 79 0.23 -11.15 7.66
C TYR A 79 0.12 -9.66 7.36
N ILE A 80 -0.08 -9.31 6.07
CA ILE A 80 -0.30 -7.94 5.63
C ILE A 80 -1.73 -7.86 5.04
N PRO A 81 -2.72 -7.33 5.79
CA PRO A 81 -4.09 -7.25 5.26
C PRO A 81 -4.24 -6.21 4.17
N GLY A 82 -5.03 -6.53 3.14
CA GLY A 82 -5.29 -5.64 2.01
C GLY A 82 -4.12 -5.39 1.07
N THR A 83 -3.17 -6.35 0.98
CA THR A 83 -2.01 -6.30 0.08
C THR A 83 -2.45 -6.71 -1.34
N LYS A 84 -1.77 -6.20 -2.39
CA LYS A 84 -2.10 -6.54 -3.78
C LYS A 84 -1.34 -7.80 -4.27
N MET A 85 -0.68 -8.53 -3.35
CA MET A 85 -0.01 -9.78 -3.69
C MET A 85 -1.08 -10.88 -3.71
N ALA A 86 -1.60 -11.20 -4.91
CA ALA A 86 -2.65 -12.20 -5.09
C ALA A 86 -2.11 -13.64 -5.14
N PHE A 87 -1.31 -14.01 -4.12
CA PHE A 87 -0.71 -15.33 -3.97
C PHE A 87 -1.33 -16.06 -2.77
N GLY A 88 -1.60 -17.35 -2.96
CA GLY A 88 -2.18 -18.21 -1.93
C GLY A 88 -1.26 -18.37 -0.74
N GLY A 89 -0.18 -19.11 -0.93
CA GLY A 89 0.81 -19.33 0.11
C GLY A 89 1.53 -20.65 0.02
N LEU A 90 2.78 -20.69 0.54
CA LEU A 90 3.58 -21.91 0.63
C LEU A 90 3.30 -22.48 2.01
N LYS A 91 2.26 -23.33 2.08
CA LYS A 91 1.77 -23.95 3.32
C LYS A 91 2.76 -24.94 3.90
N LYS A 92 3.34 -25.80 3.04
CA LYS A 92 4.34 -26.82 3.41
C LYS A 92 5.60 -26.06 3.82
N GLU A 93 6.01 -26.23 5.10
CA GLU A 93 7.16 -25.56 5.71
C GLU A 93 8.45 -25.83 4.95
N LYS A 94 8.72 -27.10 4.59
CA LYS A 94 9.93 -27.46 3.83
C LYS A 94 9.95 -26.81 2.44
N ASP A 95 8.80 -26.27 2.01
CA ASP A 95 8.71 -25.53 0.76
C ASP A 95 9.20 -24.10 1.03
N ARG A 96 8.84 -23.53 2.20
CA ARG A 96 9.24 -22.18 2.61
C ARG A 96 10.72 -22.16 2.94
N ASN A 97 11.19 -23.17 3.71
CA ASN A 97 12.59 -23.34 4.12
C ASN A 97 13.51 -23.46 2.91
N ASP A 98 13.04 -24.11 1.82
CA ASP A 98 13.81 -24.25 0.58
C ASP A 98 13.86 -22.91 -0.16
N LEU A 99 12.68 -22.24 -0.32
CA LEU A 99 12.53 -20.96 -1.02
C LEU A 99 13.36 -19.84 -0.38
N ILE A 100 13.27 -19.66 0.95
CA ILE A 100 14.01 -18.64 1.71
C ILE A 100 15.53 -18.86 1.56
N THR A 101 15.99 -20.13 1.49
CA THR A 101 17.42 -20.48 1.30
C THR A 101 17.92 -19.95 -0.06
N TYR A 102 17.10 -20.10 -1.12
CA TYR A 102 17.40 -19.59 -2.46
C TYR A 102 17.28 -18.06 -2.44
N LEU A 103 16.22 -17.54 -1.80
CA LEU A 103 15.93 -16.10 -1.69
C LEU A 103 16.98 -15.35 -0.89
N LYS A 104 17.65 -16.01 0.06
CA LYS A 104 18.70 -15.37 0.84
C LYS A 104 19.99 -15.26 0.01
N LYS A 105 20.11 -16.09 -1.05
CA LYS A 105 21.28 -16.12 -1.93
C LYS A 105 21.07 -15.33 -3.22
N ALA A 106 19.91 -15.49 -3.88
CA ALA A 106 19.60 -14.79 -5.11
C ALA A 106 19.30 -13.30 -4.94
N THR A 107 19.12 -12.81 -3.68
CA THR A 107 18.83 -11.40 -3.42
C THR A 107 20.06 -10.58 -3.00
N GLU A 108 21.19 -10.87 -3.64
CA GLU A 108 22.47 -10.16 -3.57
C GLU A 108 23.29 -10.50 -4.80
N GLU B 2 -17.57 -36.44 6.48
CA GLU B 2 -16.90 -35.16 6.73
C GLU B 2 -17.72 -34.24 7.65
N PHE B 3 -19.07 -34.31 7.57
CA PHE B 3 -19.96 -33.50 8.40
C PHE B 3 -20.71 -34.34 9.43
N LYS B 4 -20.77 -33.80 10.67
CA LYS B 4 -21.54 -34.32 11.80
C LYS B 4 -22.13 -33.10 12.51
N ALA B 5 -23.45 -33.11 12.75
CA ALA B 5 -24.21 -32.00 13.35
C ALA B 5 -23.53 -31.31 14.54
N GLY B 6 -23.68 -29.97 14.59
CA GLY B 6 -23.12 -29.14 15.63
C GLY B 6 -24.14 -28.18 16.24
N SER B 7 -23.66 -27.03 16.72
CA SER B 7 -24.50 -26.01 17.33
C SER B 7 -24.85 -24.94 16.31
N ALA B 8 -26.14 -24.74 16.07
CA ALA B 8 -26.62 -23.71 15.15
C ALA B 8 -26.55 -22.35 15.84
N LYS B 9 -26.56 -22.34 17.21
CA LYS B 9 -26.43 -21.12 18.01
C LYS B 9 -25.06 -20.48 17.78
N LYS B 10 -24.00 -21.31 17.72
CA LYS B 10 -22.63 -20.88 17.46
C LYS B 10 -22.45 -20.58 15.98
N GLY B 11 -23.15 -21.35 15.13
CA GLY B 11 -23.12 -21.19 13.69
C GLY B 11 -23.76 -19.90 13.21
N ALA B 12 -24.81 -19.43 13.92
CA ALA B 12 -25.54 -18.20 13.62
C ALA B 12 -24.67 -16.95 13.85
N THR B 13 -23.86 -16.97 14.93
CA THR B 13 -22.93 -15.88 15.29
C THR B 13 -21.77 -15.88 14.30
N LEU B 14 -21.37 -17.07 13.81
CA LEU B 14 -20.32 -17.23 12.80
C LEU B 14 -20.78 -16.64 11.46
N PHE B 15 -22.06 -16.85 11.11
CA PHE B 15 -22.66 -16.32 9.88
C PHE B 15 -22.81 -14.79 9.97
N LYS B 16 -23.30 -14.28 11.11
CA LYS B 16 -23.51 -12.85 11.38
C LYS B 16 -22.22 -12.02 11.26
N THR B 17 -21.07 -12.61 11.63
CA THR B 17 -19.77 -11.94 11.64
C THR B 17 -18.83 -12.33 10.49
N ARG B 18 -19.13 -13.41 9.73
CA ARG B 18 -18.23 -13.84 8.64
C ARG B 18 -18.90 -14.00 7.25
N CYS B 19 -20.25 -14.08 7.16
CA CYS B 19 -20.94 -14.28 5.87
C CYS B 19 -22.01 -13.21 5.56
N LEU B 20 -22.82 -12.80 6.57
CA LEU B 20 -23.93 -11.84 6.50
C LEU B 20 -23.68 -10.57 5.69
N GLN B 21 -22.41 -10.10 5.62
CA GLN B 21 -22.01 -8.91 4.85
C GLN B 21 -22.24 -9.05 3.35
N CYS B 22 -22.03 -10.28 2.80
CA CYS B 22 -22.18 -10.60 1.38
C CYS B 22 -23.44 -11.47 1.12
N HIS B 23 -23.97 -12.17 2.15
CA HIS B 23 -25.10 -13.10 1.97
C HIS B 23 -26.35 -12.89 2.85
N THR B 24 -27.52 -13.29 2.29
CA THR B 24 -28.83 -13.31 2.93
C THR B 24 -29.31 -14.77 2.92
N VAL B 25 -30.14 -15.16 3.92
CA VAL B 25 -30.60 -16.55 4.03
C VAL B 25 -32.08 -16.73 3.70
N GLU B 26 -32.93 -15.76 4.08
CA GLU B 26 -34.39 -15.77 3.92
C GLU B 26 -34.88 -16.03 2.48
N LYS B 27 -36.12 -16.56 2.34
CA LYS B 27 -36.75 -16.81 1.04
C LYS B 27 -37.17 -15.47 0.44
N GLY B 28 -36.76 -15.23 -0.80
CA GLY B 28 -37.04 -13.98 -1.49
C GLY B 28 -36.15 -12.87 -0.98
N GLY B 29 -35.00 -13.26 -0.45
CA GLY B 29 -34.00 -12.34 0.09
C GLY B 29 -33.28 -11.61 -1.02
N PRO B 30 -32.78 -10.38 -0.76
CA PRO B 30 -32.09 -9.65 -1.83
C PRO B 30 -30.64 -10.12 -2.03
N HIS B 31 -30.16 -10.04 -3.28
CA HIS B 31 -28.79 -10.37 -3.63
C HIS B 31 -27.93 -9.18 -3.18
N LYS B 32 -26.94 -9.43 -2.29
CA LYS B 32 -26.04 -8.37 -1.82
C LYS B 32 -24.84 -8.36 -2.77
N VAL B 33 -23.61 -8.45 -2.23
CA VAL B 33 -22.37 -8.53 -3.02
C VAL B 33 -22.28 -9.97 -3.57
N GLY B 34 -22.81 -10.91 -2.79
CA GLY B 34 -22.91 -12.34 -3.13
C GLY B 34 -24.37 -12.75 -3.32
N PRO B 35 -24.64 -14.00 -3.78
CA PRO B 35 -26.03 -14.39 -4.01
C PRO B 35 -26.83 -14.75 -2.76
N ASN B 36 -28.14 -14.97 -2.92
CA ASN B 36 -29.01 -15.40 -1.82
C ASN B 36 -28.81 -16.90 -1.69
N LEU B 37 -28.61 -17.38 -0.45
CA LEU B 37 -28.32 -18.78 -0.15
C LEU B 37 -29.55 -19.67 0.14
N HIS B 38 -30.80 -19.14 0.15
CA HIS B 38 -31.98 -19.97 0.39
C HIS B 38 -32.09 -21.12 -0.61
N GLY B 39 -32.29 -22.33 -0.08
CA GLY B 39 -32.41 -23.56 -0.85
C GLY B 39 -31.13 -23.95 -1.57
N ILE B 40 -29.95 -23.59 -1.01
CA ILE B 40 -28.64 -23.89 -1.61
C ILE B 40 -28.37 -25.41 -1.58
N PHE B 41 -28.71 -26.10 -0.47
CA PHE B 41 -28.50 -27.55 -0.37
C PHE B 41 -29.56 -28.27 -1.19
N GLY B 42 -29.09 -29.04 -2.17
CA GLY B 42 -29.94 -29.74 -3.13
C GLY B 42 -30.14 -28.90 -4.37
N ARG B 43 -29.10 -28.15 -4.74
CA ARG B 43 -29.04 -27.23 -5.88
C ARG B 43 -27.60 -27.19 -6.39
N HIS B 44 -27.42 -27.05 -7.71
CA HIS B 44 -26.11 -26.98 -8.34
C HIS B 44 -25.44 -25.63 -8.13
N SER B 45 -24.12 -25.56 -8.36
CA SER B 45 -23.33 -24.33 -8.22
C SER B 45 -23.58 -23.35 -9.37
N GLY B 46 -23.98 -22.12 -8.99
CA GLY B 46 -24.29 -21.04 -9.92
C GLY B 46 -25.64 -21.19 -10.59
N GLN B 47 -26.72 -21.27 -9.77
CA GLN B 47 -28.10 -21.46 -10.26
C GLN B 47 -29.13 -20.43 -9.77
N ALA B 48 -28.79 -19.61 -8.74
CA ALA B 48 -29.69 -18.59 -8.18
C ALA B 48 -30.00 -17.48 -9.19
N GLU B 49 -31.27 -17.43 -9.63
CA GLU B 49 -31.87 -16.53 -10.63
C GLU B 49 -31.63 -15.02 -10.36
N GLY B 50 -30.99 -14.36 -11.32
CA GLY B 50 -30.71 -12.93 -11.25
C GLY B 50 -29.28 -12.55 -10.91
N TYR B 51 -28.47 -13.51 -10.42
CA TYR B 51 -27.08 -13.26 -10.04
C TYR B 51 -26.12 -13.60 -11.19
N SER B 52 -25.20 -12.66 -11.49
CA SER B 52 -24.21 -12.85 -12.54
C SER B 52 -22.96 -13.49 -11.95
N TYR B 53 -22.94 -14.83 -11.91
CA TYR B 53 -21.85 -15.65 -11.37
C TYR B 53 -20.63 -15.63 -12.29
N THR B 54 -19.46 -16.07 -11.77
CA THR B 54 -18.27 -16.21 -12.59
C THR B 54 -18.40 -17.53 -13.37
N ASP B 55 -17.72 -17.62 -14.52
CA ASP B 55 -17.74 -18.81 -15.38
C ASP B 55 -17.16 -20.03 -14.69
N ALA B 56 -16.25 -19.80 -13.71
CA ALA B 56 -15.62 -20.84 -12.88
C ALA B 56 -16.62 -21.46 -11.90
N ASN B 57 -17.57 -20.65 -11.34
CA ASN B 57 -18.59 -21.08 -10.40
C ASN B 57 -19.62 -22.00 -11.04
N ILE B 58 -20.05 -21.67 -12.27
CA ILE B 58 -21.01 -22.48 -13.00
C ILE B 58 -20.32 -23.75 -13.56
N LYS B 59 -19.13 -23.58 -14.21
CA LYS B 59 -18.32 -24.66 -14.82
C LYS B 59 -18.01 -25.82 -13.85
N LYS B 60 -17.89 -25.55 -12.54
CA LYS B 60 -17.63 -26.57 -11.51
C LYS B 60 -18.81 -27.57 -11.49
N ASN B 61 -20.06 -27.04 -11.61
CA ASN B 61 -21.32 -27.77 -11.65
C ASN B 61 -21.41 -28.86 -10.56
N VAL B 62 -21.44 -28.41 -9.29
CA VAL B 62 -21.50 -29.30 -8.12
C VAL B 62 -22.81 -29.13 -7.36
N LEU B 63 -23.49 -30.26 -7.10
CA LEU B 63 -24.73 -30.29 -6.34
C LEU B 63 -24.36 -30.12 -4.87
N TRP B 64 -24.76 -28.99 -4.27
CA TRP B 64 -24.44 -28.65 -2.88
C TRP B 64 -25.06 -29.57 -1.82
N ASP B 65 -24.19 -30.15 -0.99
CA ASP B 65 -24.53 -31.01 0.16
C ASP B 65 -23.72 -30.55 1.39
N GLU B 66 -23.85 -31.21 2.55
CA GLU B 66 -23.11 -30.80 3.75
C GLU B 66 -21.61 -31.12 3.69
N ASN B 67 -21.24 -32.25 3.06
CA ASN B 67 -19.86 -32.70 2.95
C ASN B 67 -18.99 -31.82 2.04
N ASN B 68 -19.43 -31.56 0.80
CA ASN B 68 -18.67 -30.74 -0.15
C ASN B 68 -18.65 -29.25 0.25
N MET B 69 -19.64 -28.80 1.06
CA MET B 69 -19.74 -27.43 1.58
C MET B 69 -18.65 -27.21 2.64
N SER B 70 -18.37 -28.24 3.48
CA SER B 70 -17.32 -28.20 4.49
C SER B 70 -15.96 -28.23 3.80
N GLU B 71 -15.87 -28.92 2.64
CA GLU B 71 -14.65 -28.99 1.81
C GLU B 71 -14.46 -27.63 1.15
N TYR B 72 -15.57 -26.98 0.75
CA TYR B 72 -15.60 -25.67 0.12
C TYR B 72 -15.20 -24.55 1.08
N LEU B 73 -15.90 -24.43 2.22
CA LEU B 73 -15.64 -23.35 3.19
C LEU B 73 -14.28 -23.44 3.91
N THR B 74 -13.47 -24.50 3.65
CA THR B 74 -12.11 -24.66 4.22
C THR B 74 -11.19 -23.66 3.51
N ASN B 75 -11.34 -23.56 2.19
CA ASN B 75 -10.62 -22.67 1.28
C ASN B 75 -11.47 -22.61 0.00
N PRO B 76 -12.31 -21.54 -0.15
CA PRO B 76 -13.18 -21.46 -1.34
C PRO B 76 -12.43 -21.31 -2.66
N LYS B 77 -11.39 -20.44 -2.69
CA LYS B 77 -10.55 -20.16 -3.87
C LYS B 77 -9.81 -21.38 -4.42
N LYS B 78 -9.45 -22.35 -3.55
CA LYS B 78 -8.76 -23.59 -3.94
C LYS B 78 -9.74 -24.56 -4.63
N TYR B 79 -10.95 -24.71 -4.05
CA TYR B 79 -12.01 -25.59 -4.56
C TYR B 79 -12.52 -25.15 -5.94
N ILE B 80 -12.92 -23.87 -6.07
CA ILE B 80 -13.42 -23.28 -7.33
C ILE B 80 -12.39 -22.19 -7.78
N PRO B 81 -11.28 -22.58 -8.49
CA PRO B 81 -10.27 -21.58 -8.89
C PRO B 81 -10.76 -20.45 -9.78
N GLY B 82 -10.48 -19.22 -9.34
CA GLY B 82 -10.86 -17.99 -10.02
C GLY B 82 -12.17 -17.36 -9.55
N THR B 83 -12.75 -17.86 -8.44
CA THR B 83 -14.02 -17.36 -7.87
C THR B 83 -13.90 -15.93 -7.32
N LYS B 84 -14.97 -15.12 -7.52
CA LYS B 84 -15.01 -13.72 -7.06
C LYS B 84 -15.31 -13.61 -5.53
N MET B 85 -15.49 -14.76 -4.84
CA MET B 85 -15.73 -14.82 -3.41
C MET B 85 -14.39 -14.53 -2.70
N ALA B 86 -14.21 -13.28 -2.25
CA ALA B 86 -13.00 -12.82 -1.59
C ALA B 86 -13.05 -13.07 -0.06
N PHE B 87 -13.17 -14.36 0.30
CA PHE B 87 -13.21 -14.85 1.68
C PHE B 87 -12.12 -15.90 1.86
N GLY B 88 -11.42 -15.83 2.98
CA GLY B 88 -10.33 -16.76 3.31
C GLY B 88 -10.76 -18.20 3.50
N GLY B 89 -11.60 -18.43 4.50
CA GLY B 89 -12.11 -19.75 4.82
C GLY B 89 -12.08 -20.07 6.30
N LEU B 90 -12.96 -20.99 6.73
CA LEU B 90 -13.05 -21.47 8.10
C LEU B 90 -12.17 -22.71 8.14
N LYS B 91 -10.96 -22.59 8.73
CA LYS B 91 -10.02 -23.71 8.78
C LYS B 91 -10.39 -24.76 9.83
N LYS B 92 -11.15 -24.37 10.87
CA LYS B 92 -11.56 -25.29 11.92
C LYS B 92 -12.83 -26.05 11.54
N GLU B 93 -12.75 -27.39 11.58
CA GLU B 93 -13.82 -28.33 11.25
C GLU B 93 -15.09 -28.07 12.09
N LYS B 94 -14.91 -27.81 13.41
CA LYS B 94 -15.97 -27.52 14.38
C LYS B 94 -16.70 -26.23 14.01
N ASP B 95 -15.95 -25.24 13.50
CA ASP B 95 -16.50 -23.95 13.06
C ASP B 95 -17.31 -24.17 11.78
N ARG B 96 -16.88 -25.14 10.93
CA ARG B 96 -17.57 -25.48 9.69
C ARG B 96 -18.84 -26.27 9.99
N ASN B 97 -18.76 -27.27 10.91
CA ASN B 97 -19.88 -28.12 11.35
C ASN B 97 -20.97 -27.32 12.04
N ASP B 98 -20.60 -26.31 12.86
CA ASP B 98 -21.52 -25.43 13.58
C ASP B 98 -22.29 -24.53 12.62
N LEU B 99 -21.58 -23.98 11.59
CA LEU B 99 -22.14 -23.08 10.58
C LEU B 99 -23.11 -23.79 9.67
N ILE B 100 -22.72 -24.95 9.08
CA ILE B 100 -23.55 -25.75 8.16
C ILE B 100 -24.86 -26.18 8.88
N THR B 101 -24.80 -26.40 10.21
CA THR B 101 -25.97 -26.73 11.03
C THR B 101 -26.97 -25.57 10.99
N TYR B 102 -26.49 -24.31 11.12
CA TYR B 102 -27.33 -23.12 11.05
C TYR B 102 -27.80 -22.89 9.59
N LEU B 103 -26.88 -23.07 8.62
CA LEU B 103 -27.16 -22.89 7.18
C LEU B 103 -28.24 -23.86 6.70
N LYS B 104 -28.18 -25.14 7.11
CA LYS B 104 -29.18 -26.17 6.78
C LYS B 104 -30.57 -25.70 7.22
N LYS B 105 -30.68 -25.21 8.47
CA LYS B 105 -31.92 -24.73 9.09
C LYS B 105 -32.45 -23.42 8.49
N ALA B 106 -31.55 -22.47 8.21
CA ALA B 106 -31.93 -21.16 7.67
C ALA B 106 -32.18 -21.12 6.15
N THR B 107 -31.63 -22.08 5.36
CA THR B 107 -31.81 -22.09 3.90
C THR B 107 -32.88 -23.11 3.44
N GLU B 108 -33.27 -24.09 4.28
CA GLU B 108 -34.31 -25.05 3.89
C GLU B 108 -35.73 -24.42 3.89
N PHE C 3 29.41 24.41 -2.86
CA PHE C 3 27.96 24.54 -2.72
C PHE C 3 27.56 25.59 -1.67
N LYS C 4 26.40 26.23 -1.91
CA LYS C 4 25.75 27.20 -1.03
C LYS C 4 24.24 27.04 -1.18
N ALA C 5 23.48 27.24 -0.08
CA ALA C 5 22.02 27.12 -0.07
C ALA C 5 21.36 28.21 -0.95
N GLY C 6 20.54 27.77 -1.91
CA GLY C 6 19.87 28.64 -2.87
C GLY C 6 18.35 28.59 -2.86
N SER C 7 17.74 28.88 -4.03
CA SER C 7 16.30 28.92 -4.21
C SER C 7 15.74 27.60 -4.69
N ALA C 8 14.78 27.04 -3.94
CA ALA C 8 14.11 25.79 -4.31
C ALA C 8 13.02 26.06 -5.37
N LYS C 9 12.58 27.34 -5.48
CA LYS C 9 11.59 27.77 -6.45
C LYS C 9 12.20 27.76 -7.88
N LYS C 10 13.44 28.29 -8.02
CA LYS C 10 14.15 28.33 -9.30
C LYS C 10 14.72 26.98 -9.70
N GLY C 11 15.07 26.16 -8.71
CA GLY C 11 15.57 24.81 -8.91
C GLY C 11 14.53 23.84 -9.42
N ALA C 12 13.25 24.07 -9.07
CA ALA C 12 12.12 23.23 -9.51
C ALA C 12 11.87 23.40 -11.00
N THR C 13 12.05 24.64 -11.51
CA THR C 13 11.87 25.03 -12.90
C THR C 13 13.01 24.45 -13.75
N LEU C 14 14.26 24.51 -13.21
CA LEU C 14 15.48 23.93 -13.81
C LEU C 14 15.30 22.41 -14.00
N PHE C 15 14.75 21.73 -12.97
CA PHE C 15 14.46 20.30 -12.97
C PHE C 15 13.36 20.00 -13.99
N LYS C 16 12.20 20.70 -13.91
CA LYS C 16 11.05 20.56 -14.81
C LYS C 16 11.40 20.70 -16.30
N THR C 17 12.35 21.61 -16.64
CA THR C 17 12.75 21.89 -18.02
C THR C 17 13.98 21.12 -18.53
N ARG C 18 14.86 20.63 -17.62
CA ARG C 18 16.08 19.91 -18.01
C ARG C 18 16.13 18.45 -17.59
N CYS C 19 15.87 18.15 -16.29
CA CYS C 19 16.00 16.81 -15.68
C CYS C 19 14.75 15.93 -15.75
N LEU C 20 13.55 16.49 -15.47
CA LEU C 20 12.24 15.81 -15.39
C LEU C 20 11.85 14.95 -16.63
N GLN C 21 12.60 15.08 -17.74
CA GLN C 21 12.34 14.28 -18.94
C GLN C 21 12.76 12.80 -18.68
N CYS C 22 13.85 12.60 -17.90
CA CYS C 22 14.42 11.30 -17.54
C CYS C 22 14.17 10.90 -16.07
N HIS C 23 13.70 11.81 -15.20
CA HIS C 23 13.58 11.47 -13.79
C HIS C 23 12.29 11.88 -13.11
N THR C 24 11.93 11.11 -12.07
CA THR C 24 10.84 11.37 -11.13
C THR C 24 11.55 11.57 -9.79
N VAL C 25 10.87 12.16 -8.79
CA VAL C 25 11.51 12.41 -7.49
C VAL C 25 10.73 11.83 -6.30
N GLU C 26 9.39 11.71 -6.45
CA GLU C 26 8.43 11.20 -5.46
C GLU C 26 8.77 9.81 -4.90
N LYS C 27 8.25 9.50 -3.70
CA LYS C 27 8.42 8.19 -3.07
C LYS C 27 7.43 7.25 -3.75
N GLY C 28 7.95 6.31 -4.51
CA GLY C 28 7.15 5.37 -5.27
C GLY C 28 6.91 5.84 -6.69
N GLY C 29 7.75 6.77 -7.14
CA GLY C 29 7.69 7.34 -8.48
C GLY C 29 8.34 6.41 -9.48
N PRO C 30 7.67 6.15 -10.63
CA PRO C 30 8.23 5.18 -11.60
C PRO C 30 9.60 5.48 -12.19
N HIS C 31 10.32 4.38 -12.52
CA HIS C 31 11.62 4.42 -13.20
C HIS C 31 11.27 4.72 -14.66
N LYS C 32 11.99 5.66 -15.29
CA LYS C 32 11.64 6.11 -16.64
C LYS C 32 12.88 6.66 -17.37
N VAL C 33 13.59 5.82 -18.15
CA VAL C 33 14.79 6.19 -18.95
C VAL C 33 15.91 6.82 -18.04
N GLY C 34 15.70 6.69 -16.74
CA GLY C 34 16.57 7.19 -15.69
C GLY C 34 16.01 6.79 -14.35
N PRO C 35 16.87 6.60 -13.33
CA PRO C 35 16.35 6.15 -12.02
C PRO C 35 15.49 7.19 -11.30
N ASN C 36 14.57 6.72 -10.44
CA ASN C 36 13.77 7.63 -9.60
C ASN C 36 14.77 8.09 -8.53
N LEU C 37 14.98 9.42 -8.45
CA LEU C 37 16.00 10.02 -7.58
C LEU C 37 15.64 10.13 -6.08
N HIS C 38 14.57 9.45 -5.58
CA HIS C 38 14.24 9.50 -4.14
C HIS C 38 15.38 8.93 -3.29
N GLY C 39 15.74 9.66 -2.22
CA GLY C 39 16.79 9.31 -1.28
C GLY C 39 18.19 9.21 -1.90
N ILE C 40 18.49 10.07 -2.89
CA ILE C 40 19.78 10.09 -3.58
C ILE C 40 20.89 10.63 -2.67
N PHE C 41 20.60 11.65 -1.84
CA PHE C 41 21.60 12.24 -0.93
C PHE C 41 21.84 11.35 0.28
N GLY C 42 23.09 10.93 0.44
CA GLY C 42 23.51 10.04 1.53
C GLY C 42 23.83 8.64 1.06
N ARG C 43 23.16 8.17 -0.01
CA ARG C 43 23.37 6.84 -0.60
C ARG C 43 24.44 6.85 -1.70
N HIS C 44 25.00 5.67 -2.01
CA HIS C 44 26.02 5.51 -3.05
C HIS C 44 25.40 5.50 -4.46
N SER C 45 26.28 5.50 -5.49
CA SER C 45 25.92 5.51 -6.91
C SER C 45 25.50 4.10 -7.35
N GLY C 46 24.38 4.02 -8.08
CA GLY C 46 23.85 2.76 -8.59
C GLY C 46 23.25 1.87 -7.53
N GLN C 47 22.35 2.46 -6.69
CA GLN C 47 21.70 1.79 -5.56
C GLN C 47 20.16 1.79 -5.61
N ALA C 48 19.55 2.24 -6.74
CA ALA C 48 18.08 2.23 -6.86
C ALA C 48 17.63 0.89 -7.39
N GLU C 49 16.80 0.21 -6.60
CA GLU C 49 16.28 -1.13 -6.88
C GLU C 49 15.29 -1.16 -8.06
N GLY C 50 15.66 -1.85 -9.13
CA GLY C 50 14.80 -1.98 -10.31
C GLY C 50 15.25 -1.24 -11.55
N TYR C 51 16.50 -0.77 -11.57
CA TYR C 51 17.09 -0.04 -12.68
C TYR C 51 18.45 -0.63 -13.06
N SER C 52 18.68 -0.80 -14.38
CA SER C 52 19.93 -1.34 -14.93
C SER C 52 20.93 -0.23 -15.28
N TYR C 53 21.84 0.05 -14.35
CA TYR C 53 22.89 1.06 -14.49
C TYR C 53 24.01 0.56 -15.37
N THR C 54 24.86 1.49 -15.85
CA THR C 54 26.05 1.12 -16.61
C THR C 54 27.07 0.61 -15.58
N ASP C 55 28.09 -0.14 -16.03
CA ASP C 55 29.15 -0.65 -15.17
C ASP C 55 29.91 0.54 -14.54
N ALA C 56 30.09 1.63 -15.32
CA ALA C 56 30.76 2.88 -14.94
C ALA C 56 30.10 3.61 -13.77
N ASN C 57 28.74 3.68 -13.75
CA ASN C 57 27.98 4.37 -12.70
C ASN C 57 28.24 3.76 -11.33
N ILE C 58 28.21 2.42 -11.24
CA ILE C 58 28.45 1.65 -10.01
C ILE C 58 29.93 1.72 -9.62
N LYS C 59 30.85 1.49 -10.60
CA LYS C 59 32.31 1.51 -10.45
C LYS C 59 32.86 2.74 -9.70
N LYS C 60 32.25 3.94 -9.93
CA LYS C 60 32.62 5.22 -9.32
C LYS C 60 32.48 5.18 -7.80
N ASN C 61 31.31 4.74 -7.33
CA ASN C 61 30.90 4.58 -5.93
C ASN C 61 31.23 5.78 -5.02
N VAL C 62 30.43 6.85 -5.12
CA VAL C 62 30.55 8.03 -4.27
C VAL C 62 29.23 8.25 -3.53
N LEU C 63 29.29 8.39 -2.19
CA LEU C 63 28.09 8.68 -1.40
C LEU C 63 27.70 10.13 -1.74
N TRP C 64 26.52 10.30 -2.36
CA TRP C 64 26.07 11.60 -2.83
C TRP C 64 25.89 12.64 -1.73
N ASP C 65 26.58 13.78 -1.92
CA ASP C 65 26.57 14.96 -1.05
C ASP C 65 26.33 16.21 -1.90
N GLU C 66 26.09 17.37 -1.25
CA GLU C 66 25.83 18.64 -1.94
C GLU C 66 27.00 19.17 -2.80
N ASN C 67 28.25 18.75 -2.49
CA ASN C 67 29.45 19.17 -3.20
C ASN C 67 29.78 18.28 -4.42
N ASN C 68 29.84 16.94 -4.23
CA ASN C 68 30.15 16.00 -5.31
C ASN C 68 29.04 15.91 -6.37
N MET C 69 27.80 16.31 -6.00
CA MET C 69 26.64 16.36 -6.90
C MET C 69 26.83 17.58 -7.81
N SER C 70 27.37 18.69 -7.26
CA SER C 70 27.65 19.92 -7.97
C SER C 70 28.77 19.69 -8.98
N GLU C 71 29.85 18.98 -8.56
CA GLU C 71 30.99 18.64 -9.42
C GLU C 71 30.51 17.75 -10.58
N TYR C 72 29.60 16.80 -10.28
CA TYR C 72 28.99 15.86 -11.23
C TYR C 72 28.10 16.59 -12.25
N LEU C 73 27.27 17.55 -11.78
CA LEU C 73 26.34 18.28 -12.63
C LEU C 73 27.04 19.29 -13.56
N THR C 74 28.31 19.66 -13.28
CA THR C 74 29.10 20.56 -14.13
C THR C 74 29.26 19.88 -15.50
N ASN C 75 29.82 18.64 -15.49
CA ASN C 75 30.01 17.78 -16.65
C ASN C 75 29.79 16.31 -16.24
N PRO C 76 28.59 15.73 -16.51
CA PRO C 76 28.32 14.35 -16.09
C PRO C 76 29.12 13.28 -16.82
N LYS C 77 29.63 13.57 -18.03
CA LYS C 77 30.41 12.61 -18.81
C LYS C 77 31.94 12.71 -18.56
N LYS C 78 32.35 13.50 -17.53
CA LYS C 78 33.74 13.68 -17.12
C LYS C 78 33.96 13.13 -15.69
N TYR C 79 32.93 13.22 -14.82
CA TYR C 79 32.97 12.72 -13.44
C TYR C 79 32.82 11.19 -13.45
N ILE C 80 31.81 10.69 -14.17
CA ILE C 80 31.54 9.27 -14.36
C ILE C 80 31.66 9.02 -15.86
N PRO C 81 32.88 8.74 -16.38
CA PRO C 81 33.03 8.52 -17.84
C PRO C 81 32.38 7.22 -18.30
N GLY C 82 31.69 7.28 -19.43
CA GLY C 82 31.00 6.14 -20.02
C GLY C 82 29.54 6.01 -19.64
N THR C 83 29.01 6.95 -18.83
CA THR C 83 27.60 6.99 -18.37
C THR C 83 26.63 7.16 -19.54
N LYS C 84 25.43 6.57 -19.43
CA LYS C 84 24.39 6.65 -20.47
C LYS C 84 23.50 7.90 -20.34
N MET C 85 23.73 8.72 -19.29
CA MET C 85 23.01 9.96 -19.03
C MET C 85 23.37 10.96 -20.14
N ALA C 86 22.43 11.17 -21.08
CA ALA C 86 22.60 12.07 -22.22
C ALA C 86 22.33 13.54 -21.86
N PHE C 87 23.11 14.07 -20.90
CA PHE C 87 22.97 15.45 -20.44
C PHE C 87 24.27 16.26 -20.56
N GLY C 88 24.13 17.52 -20.99
CA GLY C 88 25.23 18.46 -21.18
C GLY C 88 25.86 18.90 -19.87
N GLY C 89 25.05 19.52 -19.02
CA GLY C 89 25.49 19.97 -17.71
C GLY C 89 25.02 21.36 -17.33
N LEU C 90 25.08 21.67 -16.02
CA LEU C 90 24.72 22.97 -15.49
C LEU C 90 25.98 23.77 -15.28
N LYS C 91 26.26 24.67 -16.23
CA LYS C 91 27.42 25.57 -16.30
C LYS C 91 27.41 26.56 -15.14
N LYS C 92 26.28 27.26 -14.96
CA LYS C 92 26.08 28.28 -13.93
C LYS C 92 26.12 27.70 -12.52
N GLU C 93 27.12 28.13 -11.72
CA GLU C 93 27.31 27.74 -10.32
C GLU C 93 26.07 28.06 -9.47
N LYS C 94 25.31 29.09 -9.90
CA LYS C 94 24.06 29.56 -9.31
C LYS C 94 22.95 28.52 -9.57
N ASP C 95 22.84 28.05 -10.84
CA ASP C 95 21.84 27.07 -11.31
C ASP C 95 21.92 25.74 -10.56
N ARG C 96 23.15 25.26 -10.25
CA ARG C 96 23.42 24.01 -9.53
C ARG C 96 23.00 24.15 -8.07
N ASN C 97 23.35 25.29 -7.44
CA ASN C 97 22.99 25.61 -6.05
C ASN C 97 21.48 25.59 -5.86
N ASP C 98 20.73 26.20 -6.80
CA ASP C 98 19.26 26.25 -6.81
C ASP C 98 18.63 24.86 -7.02
N LEU C 99 19.20 24.06 -7.97
CA LEU C 99 18.75 22.71 -8.31
C LEU C 99 18.90 21.76 -7.13
N ILE C 100 20.13 21.65 -6.58
CA ILE C 100 20.49 20.79 -5.44
C ILE C 100 19.64 21.14 -4.19
N THR C 101 19.24 22.42 -4.02
CA THR C 101 18.38 22.87 -2.91
C THR C 101 16.96 22.30 -3.09
N TYR C 102 16.47 22.25 -4.34
CA TYR C 102 15.17 21.65 -4.68
C TYR C 102 15.29 20.13 -4.46
N LEU C 103 16.31 19.50 -5.09
CA LEU C 103 16.62 18.07 -5.02
C LEU C 103 16.71 17.58 -3.58
N LYS C 104 17.42 18.32 -2.69
CA LYS C 104 17.57 17.98 -1.27
C LYS C 104 16.22 17.78 -0.57
N LYS C 105 15.26 18.70 -0.80
CA LYS C 105 13.92 18.65 -0.22
C LYS C 105 13.00 17.67 -0.94
N ALA C 106 13.08 17.61 -2.28
CA ALA C 106 12.25 16.77 -3.13
C ALA C 106 12.51 15.27 -2.99
N THR C 107 13.76 14.88 -2.63
CA THR C 107 14.16 13.47 -2.53
C THR C 107 14.27 12.92 -1.09
N GLU C 108 14.25 13.79 -0.05
CA GLU C 108 14.35 13.35 1.36
C GLU C 108 13.10 12.59 1.84
N GLU D 2 -14.51 33.45 0.95
CA GLU D 2 -13.91 32.22 0.44
C GLU D 2 -12.38 32.21 0.63
N PHE D 3 -11.72 31.11 0.20
CA PHE D 3 -10.26 30.95 0.25
C PHE D 3 -9.67 31.42 -1.07
N LYS D 4 -8.51 32.09 -1.02
CA LYS D 4 -7.83 32.56 -2.23
C LYS D 4 -6.55 31.75 -2.47
N ALA D 5 -5.58 31.88 -1.56
CA ALA D 5 -4.25 31.23 -1.49
C ALA D 5 -3.57 31.80 -0.27
N GLY D 6 -2.32 31.40 -0.01
CA GLY D 6 -1.61 31.92 1.15
C GLY D 6 -0.13 31.65 1.19
N SER D 7 0.43 31.63 2.42
CA SER D 7 1.83 31.39 2.67
C SER D 7 2.00 30.14 3.52
N ALA D 8 2.58 29.11 2.92
CA ALA D 8 2.84 27.82 3.55
C ALA D 8 3.95 27.96 4.61
N LYS D 9 4.77 29.03 4.50
CA LYS D 9 5.84 29.36 5.46
C LYS D 9 5.22 29.79 6.79
N LYS D 10 4.16 30.64 6.74
CA LYS D 10 3.43 31.10 7.93
C LYS D 10 2.51 30.00 8.42
N GLY D 11 1.95 29.23 7.49
CA GLY D 11 1.06 28.12 7.77
C GLY D 11 1.74 26.98 8.50
N ALA D 12 3.05 26.80 8.25
CA ALA D 12 3.89 25.77 8.89
C ALA D 12 4.05 26.10 10.37
N THR D 13 4.20 27.39 10.69
CA THR D 13 4.31 27.88 12.06
C THR D 13 2.95 27.74 12.76
N LEU D 14 1.84 28.04 12.02
CA LEU D 14 0.46 27.95 12.48
C LEU D 14 0.06 26.52 12.86
N PHE D 15 0.45 25.53 12.04
CA PHE D 15 0.17 24.12 12.28
C PHE D 15 0.97 23.63 13.48
N LYS D 16 2.29 23.91 13.48
CA LYS D 16 3.25 23.55 14.54
C LYS D 16 2.76 23.99 15.92
N THR D 17 2.16 25.19 16.00
CA THR D 17 1.69 25.79 17.25
C THR D 17 0.24 25.47 17.64
N ARG D 18 -0.66 25.13 16.69
CA ARG D 18 -2.06 24.90 17.07
C ARG D 18 -2.69 23.57 16.60
N CYS D 19 -2.15 22.91 15.55
CA CYS D 19 -2.71 21.65 15.03
C CYS D 19 -1.89 20.40 15.37
N LEU D 20 -0.53 20.51 15.29
CA LEU D 20 0.48 19.46 15.50
C LEU D 20 0.26 18.58 16.73
N GLN D 21 -0.27 19.15 17.83
CA GLN D 21 -0.54 18.44 19.10
C GLN D 21 -1.45 17.21 18.95
N CYS D 22 -2.40 17.23 18.00
CA CYS D 22 -3.32 16.10 17.76
C CYS D 22 -3.05 15.47 16.37
N HIS D 23 -2.36 16.20 15.47
CA HIS D 23 -2.17 15.73 14.09
C HIS D 23 -0.74 15.60 13.57
N THR D 24 -0.59 14.64 12.65
CA THR D 24 0.62 14.32 11.88
C THR D 24 0.15 14.31 10.42
N VAL D 25 0.98 14.82 9.50
CA VAL D 25 0.61 14.94 8.09
C VAL D 25 1.32 13.95 7.14
N GLU D 26 2.54 13.46 7.54
CA GLU D 26 3.38 12.55 6.74
C GLU D 26 2.71 11.24 6.34
N LYS D 27 3.07 10.71 5.14
CA LYS D 27 2.51 9.43 4.64
C LYS D 27 2.97 8.29 5.54
N GLY D 28 2.00 7.60 6.12
CA GLY D 28 2.24 6.52 7.06
C GLY D 28 2.52 7.03 8.45
N GLY D 29 2.04 8.24 8.74
CA GLY D 29 2.19 8.92 10.02
C GLY D 29 1.36 8.30 11.12
N PRO D 30 1.73 8.48 12.40
CA PRO D 30 0.95 7.87 13.49
C PRO D 30 -0.25 8.72 13.97
N HIS D 31 -1.36 8.04 14.31
CA HIS D 31 -2.57 8.72 14.82
C HIS D 31 -2.32 9.07 16.29
N LYS D 32 -2.66 10.29 16.70
CA LYS D 32 -2.51 10.76 18.09
C LYS D 32 -3.91 11.00 18.68
N VAL D 33 -4.19 12.20 19.25
CA VAL D 33 -5.52 12.55 19.77
C VAL D 33 -6.47 12.63 18.56
N GLY D 34 -5.98 13.28 17.48
CA GLY D 34 -6.65 13.43 16.20
C GLY D 34 -6.08 12.49 15.15
N PRO D 35 -6.79 12.22 14.03
CA PRO D 35 -6.25 11.28 13.02
C PRO D 35 -5.12 11.83 12.15
N ASN D 36 -4.42 10.94 11.40
CA ASN D 36 -3.37 11.35 10.45
C ASN D 36 -4.11 11.99 9.27
N LEU D 37 -3.75 13.25 8.93
CA LEU D 37 -4.41 14.06 7.92
C LEU D 37 -3.96 13.82 6.45
N HIS D 38 -3.07 12.84 6.17
CA HIS D 38 -2.61 12.57 4.80
C HIS D 38 -3.76 12.22 3.84
N GLY D 39 -3.78 12.90 2.70
CA GLY D 39 -4.78 12.73 1.64
C GLY D 39 -6.19 13.16 2.01
N ILE D 40 -6.33 14.14 2.95
CA ILE D 40 -7.61 14.67 3.42
C ILE D 40 -8.37 15.44 2.31
N PHE D 41 -7.66 16.29 1.55
CA PHE D 41 -8.24 17.07 0.46
C PHE D 41 -8.58 16.15 -0.71
N GLY D 42 -9.86 16.12 -1.06
CA GLY D 42 -10.42 15.28 -2.12
C GLY D 42 -10.91 13.95 -1.58
N ARG D 43 -11.12 13.89 -0.26
CA ARG D 43 -11.58 12.72 0.48
C ARG D 43 -12.67 13.13 1.46
N HIS D 44 -13.68 12.26 1.64
CA HIS D 44 -14.84 12.51 2.49
C HIS D 44 -14.52 12.50 3.99
N SER D 45 -15.40 13.13 4.79
CA SER D 45 -15.27 13.25 6.23
C SER D 45 -15.50 11.91 6.95
N GLY D 46 -14.48 11.47 7.67
CA GLY D 46 -14.47 10.23 8.44
C GLY D 46 -14.09 9.00 7.64
N GLN D 47 -13.04 9.11 6.79
CA GLN D 47 -12.58 7.99 5.96
C GLN D 47 -11.08 7.61 6.19
N ALA D 48 -10.57 7.83 7.42
CA ALA D 48 -9.19 7.48 7.81
C ALA D 48 -9.17 6.06 8.38
N GLU D 49 -8.31 5.20 7.82
CA GLU D 49 -8.17 3.80 8.23
C GLU D 49 -7.44 3.64 9.56
N GLY D 50 -8.12 3.01 10.53
CA GLY D 50 -7.59 2.75 11.86
C GLY D 50 -8.00 3.71 12.96
N TYR D 51 -8.72 4.80 12.62
CA TYR D 51 -9.17 5.79 13.62
C TYR D 51 -10.65 5.66 13.98
N SER D 52 -10.95 5.70 15.30
CA SER D 52 -12.31 5.57 15.85
C SER D 52 -13.05 6.91 15.95
N TYR D 53 -13.59 7.37 14.80
CA TYR D 53 -14.35 8.62 14.64
C TYR D 53 -15.70 8.59 15.36
N THR D 54 -16.22 9.78 15.71
CA THR D 54 -17.56 9.93 16.30
C THR D 54 -18.55 9.81 15.15
N ASP D 55 -19.80 9.40 15.46
CA ASP D 55 -20.86 9.24 14.47
C ASP D 55 -21.19 10.52 13.70
N ALA D 56 -21.07 11.70 14.37
CA ALA D 56 -21.32 13.02 13.81
C ALA D 56 -20.35 13.39 12.68
N ASN D 57 -19.05 13.01 12.81
CA ASN D 57 -18.00 13.25 11.82
C ASN D 57 -18.27 12.45 10.53
N ILE D 58 -18.65 11.17 10.68
CA ILE D 58 -18.98 10.25 9.57
C ILE D 58 -20.32 10.65 8.92
N LYS D 59 -21.36 10.94 9.75
CA LYS D 59 -22.72 11.35 9.33
C LYS D 59 -22.70 12.57 8.41
N LYS D 60 -21.70 13.47 8.58
CA LYS D 60 -21.52 14.66 7.77
C LYS D 60 -21.31 14.26 6.30
N ASN D 61 -20.40 13.27 6.05
CA ASN D 61 -20.05 12.69 4.73
C ASN D 61 -19.75 13.76 3.67
N VAL D 62 -18.95 14.77 4.05
CA VAL D 62 -18.59 15.88 3.17
C VAL D 62 -17.11 15.81 2.77
N LEU D 63 -16.83 15.77 1.44
CA LEU D 63 -15.49 15.72 0.87
C LEU D 63 -14.75 17.04 1.11
N TRP D 64 -13.55 16.96 1.68
CA TRP D 64 -12.76 18.14 2.03
C TRP D 64 -12.12 18.82 0.83
N ASP D 65 -12.37 20.14 0.74
CA ASP D 65 -11.82 21.06 -0.24
C ASP D 65 -11.19 22.26 0.51
N GLU D 66 -10.63 23.25 -0.21
CA GLU D 66 -10.00 24.43 0.37
C GLU D 66 -11.00 25.36 1.07
N ASN D 67 -12.21 25.50 0.49
CA ASN D 67 -13.28 26.36 0.99
C ASN D 67 -13.95 25.83 2.26
N ASN D 68 -14.55 24.61 2.23
CA ASN D 68 -15.24 24.03 3.40
C ASN D 68 -14.31 23.81 4.58
N MET D 69 -13.00 23.63 4.30
CA MET D 69 -11.95 23.48 5.31
C MET D 69 -11.85 24.80 6.08
N SER D 70 -11.89 25.94 5.38
CA SER D 70 -11.84 27.27 5.97
C SER D 70 -13.13 27.57 6.78
N GLU D 71 -14.27 26.97 6.40
CA GLU D 71 -15.54 27.12 7.10
C GLU D 71 -15.49 26.30 8.39
N TYR D 72 -14.90 25.10 8.30
CA TYR D 72 -14.72 24.15 9.39
C TYR D 72 -13.72 24.70 10.40
N LEU D 73 -12.63 25.32 9.93
CA LEU D 73 -11.58 25.87 10.80
C LEU D 73 -11.97 27.17 11.50
N THR D 74 -13.06 27.84 11.10
CA THR D 74 -13.52 29.07 11.78
C THR D 74 -14.17 28.67 13.11
N ASN D 75 -15.00 27.61 13.08
CA ASN D 75 -15.68 27.02 14.23
C ASN D 75 -15.99 25.54 13.93
N PRO D 76 -15.11 24.60 14.38
CA PRO D 76 -15.32 23.18 14.07
C PRO D 76 -16.54 22.55 14.73
N LYS D 77 -16.83 22.92 16.01
CA LYS D 77 -17.97 22.41 16.77
C LYS D 77 -19.32 22.90 16.24
N LYS D 78 -19.33 24.06 15.54
CA LYS D 78 -20.52 24.63 14.93
C LYS D 78 -20.82 23.88 13.62
N TYR D 79 -19.78 23.69 12.78
CA TYR D 79 -19.86 23.00 11.49
C TYR D 79 -20.29 21.54 11.66
N ILE D 80 -19.59 20.77 12.52
CA ILE D 80 -19.89 19.37 12.85
C ILE D 80 -20.32 19.30 14.34
N PRO D 81 -21.64 19.46 14.66
CA PRO D 81 -22.07 19.42 16.06
C PRO D 81 -21.88 18.06 16.72
N GLY D 82 -21.21 18.07 17.88
CA GLY D 82 -20.91 16.87 18.67
C GLY D 82 -19.67 16.14 18.21
N THR D 83 -18.58 16.88 17.90
CA THR D 83 -17.31 16.28 17.49
C THR D 83 -16.35 16.12 18.66
N LYS D 84 -15.44 15.12 18.59
CA LYS D 84 -14.44 14.87 19.64
C LYS D 84 -13.48 16.06 19.77
N MET D 85 -13.01 16.58 18.61
CA MET D 85 -12.08 17.70 18.43
C MET D 85 -12.28 18.85 19.45
N ALA D 86 -11.26 19.06 20.30
CA ALA D 86 -11.26 20.11 21.32
C ALA D 86 -10.47 21.35 20.85
N PHE D 87 -10.93 21.97 19.75
CA PHE D 87 -10.31 23.16 19.17
C PHE D 87 -11.31 24.30 18.97
N GLY D 88 -10.90 25.51 19.33
CA GLY D 88 -11.71 26.72 19.24
C GLY D 88 -12.08 27.17 17.85
N GLY D 89 -11.06 27.51 17.05
CA GLY D 89 -11.22 27.95 15.67
C GLY D 89 -10.42 29.18 15.27
N LEU D 90 -9.79 29.16 14.08
CA LEU D 90 -9.02 30.28 13.55
C LEU D 90 -10.00 31.28 12.93
N LYS D 91 -10.21 32.42 13.62
CA LYS D 91 -11.16 33.48 13.20
C LYS D 91 -10.62 34.38 12.08
N LYS D 92 -9.30 34.64 12.07
CA LYS D 92 -8.67 35.46 11.03
C LYS D 92 -8.58 34.67 9.72
N GLU D 93 -9.16 35.23 8.63
CA GLU D 93 -9.21 34.61 7.31
C GLU D 93 -7.82 34.40 6.70
N LYS D 94 -6.90 35.38 6.92
CA LYS D 94 -5.51 35.34 6.46
C LYS D 94 -4.77 34.18 7.13
N ASP D 95 -5.10 33.89 8.40
CA ASP D 95 -4.52 32.79 9.18
C ASP D 95 -4.96 31.43 8.64
N ARG D 96 -6.23 31.30 8.23
CA ARG D 96 -6.76 30.06 7.64
C ARG D 96 -6.20 29.86 6.24
N ASN D 97 -6.04 30.96 5.46
CA ASN D 97 -5.46 30.92 4.12
C ASN D 97 -4.03 30.41 4.15
N ASP D 98 -3.18 30.97 5.07
CA ASP D 98 -1.78 30.56 5.24
C ASP D 98 -1.67 29.08 5.62
N LEU D 99 -2.55 28.60 6.55
CA LEU D 99 -2.57 27.21 7.02
C LEU D 99 -2.95 26.19 5.95
N ILE D 100 -4.09 26.40 5.25
CA ILE D 100 -4.58 25.52 4.20
C ILE D 100 -3.56 25.42 3.04
N THR D 101 -2.74 26.48 2.82
CA THR D 101 -1.67 26.49 1.82
C THR D 101 -0.61 25.45 2.18
N TYR D 102 -0.14 25.43 3.45
CA TYR D 102 0.83 24.45 3.91
C TYR D 102 0.19 23.05 3.88
N LEU D 103 -1.02 22.94 4.45
CA LEU D 103 -1.82 21.70 4.57
C LEU D 103 -2.06 21.01 3.23
N LYS D 104 -2.36 21.78 2.17
CA LYS D 104 -2.57 21.27 0.82
C LYS D 104 -1.32 20.53 0.35
N LYS D 105 -0.14 21.15 0.57
CA LYS D 105 1.17 20.61 0.20
C LYS D 105 1.59 19.44 1.09
N ALA D 106 1.34 19.54 2.42
CA ALA D 106 1.71 18.54 3.43
C ALA D 106 0.96 17.21 3.37
N THR D 107 -0.34 17.24 3.00
CA THR D 107 -1.19 16.04 2.95
C THR D 107 -1.28 15.39 1.54
N GLU D 108 -0.94 16.14 0.46
CA GLU D 108 -1.00 15.59 -0.90
C GLU D 108 0.15 14.62 -1.19
FE HEC E . 5.03 -11.15 -3.85
CHA HEC E . 5.35 -8.04 -2.58
CHB HEC E . 7.67 -12.18 -2.01
CHC HEC E . 4.81 -14.25 -5.17
CHD HEC E . 2.87 -10.02 -6.18
NA HEC E . 6.22 -10.31 -2.58
C1A HEC E . 6.21 -9.01 -2.12
C2A HEC E . 7.11 -8.85 -1.04
C3A HEC E . 7.74 -10.00 -0.90
C4A HEC E . 7.22 -10.89 -1.84
CMA HEC E . 8.80 -10.32 0.11
CAA HEC E . 7.35 -7.63 -0.22
CBA HEC E . 7.88 -6.47 -1.06
CGA HEC E . 8.61 -5.47 -0.18
O1A HEC E . 9.50 -4.79 -0.61
O2A HEC E . 8.26 -5.35 1.09
NB HEC E . 6.06 -12.82 -3.67
C1B HEC E . 7.12 -13.10 -2.90
C2B HEC E . 7.56 -14.47 -2.98
C3B HEC E . 6.67 -15.10 -3.78
C4B HEC E . 5.77 -14.01 -4.25
CMB HEC E . 8.72 -15.07 -2.22
CAB HEC E . 6.53 -16.49 -4.27
CBB HEC E . 7.01 -17.57 -3.65
NC HEC E . 4.03 -11.95 -5.31
C1C HEC E . 4.04 -13.27 -5.69
C2C HEC E . 3.26 -13.50 -6.83
C3C HEC E . 2.65 -12.29 -7.15
C4C HEC E . 3.17 -11.35 -6.19
CMC HEC E . 3.13 -14.86 -7.51
CAC HEC E . 1.74 -11.99 -8.28
CBC HEC E . 1.29 -12.89 -9.15
ND HEC E . 4.28 -9.41 -4.29
C1D HEC E . 3.38 -9.15 -5.23
C2D HEC E . 2.92 -7.74 -5.13
C3D HEC E . 3.60 -7.18 -4.15
C4D HEC E . 4.50 -8.23 -3.65
CMD HEC E . 1.88 -7.10 -5.98
CAD HEC E . 3.49 -5.75 -3.70
CBD HEC E . 2.88 -5.70 -2.30
CGD HEC E . 2.00 -4.51 -2.04
O1D HEC E . 2.23 -3.45 -2.52
O2D HEC E . 0.94 -4.61 -1.27
FE HEC F . -20.13 -16.45 -0.32
CHA HEC F . -20.82 -17.64 -3.42
CHB HEC F . -21.19 -19.35 1.02
CHC HEC F . -18.69 -15.66 2.61
CHD HEC F . -18.96 -13.57 -1.66
NA HEC F . -20.83 -18.11 -1.03
C1A HEC F . -21.07 -18.47 -2.33
C2A HEC F . -21.60 -19.78 -2.42
C3A HEC F . -21.73 -20.24 -1.17
C4A HEC F . -21.24 -19.23 -0.33
CMA HEC F . -22.19 -21.61 -0.73
CAA HEC F . -21.96 -20.53 -3.68
CBA HEC F . -23.24 -19.98 -4.34
CGA HEC F . -23.69 -20.84 -5.52
O1A HEC F . -24.83 -20.81 -5.97
O2A HEC F . -22.81 -21.66 -6.13
NB HEC F . -20.07 -17.25 1.44
C1B HEC F . -20.65 -18.39 1.85
C2B HEC F . -20.58 -18.59 3.25
C3B HEC F . -19.72 -17.63 3.71
C4B HEC F . -19.45 -16.79 2.52
CMB HEC F . -21.26 -19.72 3.97
CAB HEC F . -19.26 -17.28 5.07
CBB HEC F . -19.13 -18.19 6.04
NC HEC F . -19.06 -14.97 0.34
C1C HEC F . -18.53 -14.80 1.59
C2C HEC F . -18.11 -13.46 1.79
C3C HEC F . -18.21 -12.80 0.57
C4C HEC F . -18.76 -13.79 -0.33
CMC HEC F . -17.57 -12.90 3.08
CAC HEC F . -17.90 -11.36 0.22
CBC HEC F . -17.54 -10.44 1.08
ND HEC F . -19.96 -15.75 -2.14
C1D HEC F . -19.50 -14.54 -2.51
C2D HEC F . -19.58 -14.35 -3.97
C3D HEC F . -20.07 -15.47 -4.49
C4D HEC F . -20.31 -16.35 -3.31
CMD HEC F . -19.17 -13.12 -4.69
CAD HEC F . -20.36 -15.77 -5.94
CBD HEC F . -19.34 -16.79 -6.50
CGD HEC F . -18.81 -16.50 -7.91
O1D HEC F . -19.57 -16.25 -8.83
O2D HEC F . -17.48 -16.53 -8.16
C39 7AZ G . -29.50 -27.88 16.16
C40 7AZ G . -29.14 -27.88 17.64
C26 7AZ G . -30.30 -18.41 20.62
C27 7AZ G . -30.86 -20.73 20.13
C28 7AZ G . -31.42 -22.06 20.60
C29 7AZ G . -30.32 -22.91 21.20
C30 7AZ G . -28.29 -24.41 22.38
C31 7AZ G . -29.58 -23.81 20.43
C32 7AZ G . -30.05 -22.78 22.57
C33 7AZ G . -29.04 -23.53 23.17
C34 7AZ G . -28.58 -24.59 21.03
C35 7AZ G . -27.66 -25.54 20.26
O38 7AZ G . -29.79 -21.29 15.34
C1 7AZ G . -33.09 -28.58 15.08
C2 7AZ G . -31.65 -26.46 16.20
C3 7AZ G . -33.74 -27.39 15.39
C4 7AZ G . -31.72 -28.72 15.33
C5 7AZ G . -30.99 -27.67 15.91
C6 7AZ G . -33.03 -26.31 15.95
C7 7AZ G . -33.76 -25.02 16.25
C8 7AZ G . -33.78 -24.11 15.02
C9 7AZ G . -33.89 -22.53 12.71
C10 7AZ G . -34.84 -24.24 14.14
C11 7AZ G . -32.75 -23.19 14.74
C12 7AZ G . -32.81 -22.37 13.58
C13 7AZ G . -34.91 -23.45 12.98
C14 7AZ G . -31.71 -21.40 13.19
C15 7AZ G . -31.49 -20.19 14.09
C16 7AZ G . -31.02 -17.87 15.63
C17 7AZ G . -32.18 -19.00 13.81
C18 7AZ G . -30.52 -20.17 15.09
C19 7AZ G . -30.32 -19.05 15.90
C20 7AZ G . -31.98 -17.85 14.60
C21 7AZ G . -29.29 -19.05 17.02
C22 7AZ G . -29.88 -19.31 18.40
C23 7AZ G . -30.82 -19.65 21.02
C24 7AZ G . -30.37 -20.55 18.82
C25 7AZ G . -29.83 -18.25 19.31
O72 7AZ G . -29.65 -31.69 19.83
P51 7AZ G . -29.21 -30.53 20.71
O52 7AZ G . -30.26 -30.26 21.77
O63 7AZ G . -27.91 -30.91 21.39
C44 7AZ G . -28.99 -29.08 19.75
C43 7AZ G . -29.32 -29.05 18.39
P49 7AZ G . -33.97 -29.93 14.38
O62 7AZ G . -33.85 -31.15 15.25
O61 7AZ G . -33.40 -30.26 13.01
O50 7AZ G . -35.43 -29.59 14.24
C41 7AZ G . -28.45 -27.93 20.36
C45 7AZ G . -28.30 -26.75 19.62
C42 7AZ G . -28.58 -26.76 18.25
O48 7AZ G . -28.38 -25.62 17.54
O47 7AZ G . -29.86 -23.95 19.11
P53 7AZ G . -28.67 -23.36 24.87
O65 7AZ G . -28.02 -22.02 25.12
O64 7AZ G . -29.94 -23.47 25.70
O54 7AZ G . -27.71 -24.45 25.27
O46 7AZ G . -30.43 -21.60 17.95
P55 7AZ G . -30.24 -17.04 21.70
O69 7AZ G . -30.88 -17.40 23.03
O68 7AZ G . -30.94 -15.86 21.10
O56 7AZ G . -28.79 -16.65 21.91
P57 7AZ G . -32.85 -16.37 14.27
O67 7AZ G . -32.69 -16.02 12.81
O66 7AZ G . -32.28 -15.26 15.12
O58 7AZ G . -34.32 -16.50 14.59
P59 7AZ G . -36.28 -23.68 11.92
O71 7AZ G . -36.18 -22.83 10.67
O70 7AZ G . -36.34 -25.13 11.48
O60 7AZ G . -37.55 -23.34 12.66
O37 7AZ G . -31.71 -23.08 15.62
O36 7AZ G . -30.95 -25.42 16.74
C39 7AZ H . -37.00 -27.63 18.61
C40 7AZ H . -37.42 -26.76 17.43
C26 7AZ H . -33.97 -17.40 19.43
C27 7AZ H . -34.08 -19.74 18.81
C28 7AZ H . -33.81 -20.85 17.80
C29 7AZ H . -35.05 -21.10 16.95
C30 7AZ H . -37.29 -21.44 15.29
C31 7AZ H . -36.06 -22.03 17.29
C32 7AZ H . -35.16 -20.37 15.77
C33 7AZ H . -36.27 -20.55 14.95
C34 7AZ H . -37.17 -22.21 16.44
C35 7AZ H . -38.34 -23.13 16.74
O38 7AZ H . -35.85 -22.09 22.80
C1 7AZ H . -33.63 -29.36 18.90
C2 7AZ H . -34.67 -26.81 19.31
C3 7AZ H . -32.80 -28.33 19.36
C4 7AZ H . -34.98 -29.11 18.65
C5 7AZ H . -35.51 -27.82 18.82
C6 7AZ H . -33.32 -27.05 19.58
C7 7AZ H . -32.41 -25.92 20.03
C8 7AZ H . -32.43 -25.72 21.53
C9 7AZ H . -32.35 -25.44 24.33
C10 7AZ H . -31.48 -26.41 22.29
C11 7AZ H . -33.33 -24.86 22.19
C12 7AZ H . -33.29 -24.72 23.59
C13 7AZ H . -31.44 -26.27 23.68
C14 7AZ H . -34.25 -23.83 24.35
C15 7AZ H . -33.94 -22.36 24.18
C16 7AZ H . -33.36 -19.64 23.89
C17 7AZ H . -32.83 -21.81 24.82
C18 7AZ H . -34.77 -21.54 23.42
C19 7AZ H . -34.48 -20.18 23.24
C20 7AZ H . -32.54 -20.46 24.67
C21 7AZ H . -35.38 -19.28 22.40
C22 7AZ H . -34.81 -19.01 21.02
C23 7AZ H . -33.76 -18.41 18.49
C24 7AZ H . -34.60 -20.03 20.08
C25 7AZ H . -34.52 -17.70 20.68
O72 7AZ H . -39.13 -28.68 13.85
P51 7AZ H . -38.43 -27.36 13.57
O52 7AZ H . -37.15 -27.64 12.81
O63 7AZ H . -39.35 -26.52 12.72
C44 7AZ H . -38.12 -26.58 15.12
C43 7AZ H . -37.68 -27.36 16.19
P49 7AZ H . -33.00 -30.98 18.64
O62 7AZ H . -34.05 -31.89 18.06
O61 7AZ H . -32.56 -31.52 19.97
O50 7AZ H . -31.80 -30.94 17.71
C41 7AZ H . -38.33 -25.20 15.29
C45 7AZ H . -38.08 -24.61 16.53
C42 7AZ H . -37.69 -25.40 17.60
O48 7AZ H . -37.52 -24.82 18.82
O47 7AZ H . -35.93 -22.77 18.43
P53 7AZ H . -36.41 -19.63 13.50
O65 7AZ H . -37.60 -18.70 13.62
O64 7AZ H . -35.18 -18.81 13.25
O54 7AZ H . -36.61 -20.56 12.34
O46 7AZ H . -34.89 -21.32 20.40
P55 7AZ H . -33.61 -15.74 19.06
O69 7AZ H . -32.32 -15.68 18.26
O68 7AZ H . -33.45 -14.94 20.34
O56 7AZ H . -34.75 -15.13 18.28
P57 7AZ H . -31.15 -19.79 25.50
O67 7AZ H . -30.80 -20.67 26.68
O66 7AZ H . -31.53 -18.41 25.97
O58 7AZ H . -29.97 -19.71 24.56
P59 7AZ H . -30.27 -27.16 24.63
O71 7AZ H . -30.09 -26.50 25.98
O70 7AZ H . -30.76 -28.57 24.81
O60 7AZ H . -28.93 -27.19 23.91
O37 7AZ H . -34.25 -24.12 21.49
O36 7AZ H . -35.15 -25.56 19.51
C11 EVB I . -4.69 -22.18 -3.32
C12 EVB I . -5.11 -21.24 -2.38
C13 EVB I . -4.42 -21.11 -1.16
C14 EVB I . -6.32 -20.38 -2.70
C15 EVB I . -2.32 -21.63 5.35
C17 EVB I . -3.10 -23.08 7.24
C18 EVB I . -3.76 -23.28 8.46
C19 EVB I . -4.28 -22.19 9.17
C20 EVB I . -4.19 -20.90 8.63
C21 EVB I . -3.53 -20.70 7.40
C22 EVB I . -5.88 -19.08 -3.36
C23 EVB I . -5.68 -17.92 -2.61
C1 EVB I . -3.98 -23.29 1.69
C2 EVB I . -3.02 -22.28 1.65
C3 EVB I . -2.49 -21.79 2.85
C4 EVB I . -2.95 -22.23 4.09
C5 EVB I . -3.94 -23.22 4.11
C6 EVB I . -4.47 -23.74 2.92
C7 EVB I . -2.45 -21.78 0.33
C8 EVB I . -3.31 -21.93 -0.90
C9 EVB I . -2.87 -22.83 -1.88
C10 EVB I . -3.57 -22.98 -3.08
C16 EVB I . -3.04 -21.81 6.68
C24 EVB I . -5.28 -16.72 -3.23
C25 EVB I . -5.06 -16.70 -4.61
C26 EVB I . -5.29 -17.85 -5.37
C27 EVB I . -5.68 -19.04 -4.74
C28 EVB I . -4.99 -15.45 -2.44
C29 EVB I . -4.71 -19.74 9.48
C30 EVB I . -6.22 -14.59 -2.22
C31 EVB I . -6.99 -14.73 -1.05
C32 EVB I . -8.09 -13.89 -0.81
C33 EVB I . -8.45 -12.96 -1.78
C34 EVB I . -7.67 -12.79 -2.94
C35 EVB I . -6.56 -13.61 -3.15
C36 EVB I . -6.20 -19.46 9.33
C37 EVB I . -7.10 -19.76 10.37
C38 EVB I . -8.47 -19.47 10.24
C39 EVB I . -8.92 -18.82 9.09
C40 EVB I . -8.03 -18.49 8.06
C41 EVB I . -6.67 -18.78 8.20
C42 EVB I . -8.97 -14.08 0.41
C43 EVB I . -8.53 -17.76 6.83
C44 EVB I . -8.56 -13.30 1.64
C45 EVB I . -7.66 -13.81 2.60
C46 EVB I . -7.37 -13.08 3.76
C47 EVB I . -8.00 -11.84 3.98
C48 EVB I . -8.93 -11.34 3.06
C49 EVB I . -9.20 -12.08 1.90
C50 EVB I . -8.14 -16.30 6.87
C51 EVB I . -8.48 -15.54 7.99
C52 EVB I . -8.13 -14.19 8.10
C53 EVB I . -7.45 -13.59 7.03
C54 EVB I . -7.11 -14.33 5.89
C55 EVB I . -7.46 -15.68 5.81
O1 EVB I . -7.06 -15.00 2.40
O2 EVB I . -6.65 -15.67 -0.13
O3 EVB I . -5.86 -17.95 -1.26
O4 EVB I . -4.83 -20.21 -0.21
O5 EVB I . -1.53 -20.81 2.81
O6 EVB I . -3.38 -19.46 6.87
O7 EVB I . -5.82 -18.45 7.20
O8 EVB I . -7.12 -16.42 4.70
S64 EVB I . -9.67 -9.93 3.29
S65 EVB I . -8.07 -11.69 -4.05
S66 EVB I . -5.03 -17.83 -6.96
S67 EVB I . -3.07 -24.05 -4.18
S68 EVB I . -5.58 -24.89 2.97
S69 EVB I . -3.88 -24.77 9.04
S70 EVB I . -9.56 -19.83 11.37
S71 EVB I . -8.52 -13.34 9.39
C72 EVB I . -6.38 -13.59 4.78
O9 EVB I . -9.28 -9.32 4.59
O10 EVB I . -9.29 -9.01 2.19
O11 EVB I . -11.14 -10.13 3.28
O12 EVB I . -8.50 -12.39 -5.28
O13 EVB I . -9.19 -10.84 -3.56
O14 EVB I . -6.88 -10.85 -4.34
O15 EVB I . -4.90 -16.45 -7.46
O16 EVB I . -3.77 -18.58 -7.24
O17 EVB I . -6.14 -18.51 -7.67
O18 EVB I . -2.21 -23.36 -5.17
O19 EVB I . -4.22 -24.66 -4.90
O20 EVB I . -2.31 -25.14 -3.52
O21 EVB I . -5.01 -26.06 3.67
O22 EVB I . -6.76 -24.41 3.71
O23 EVB I . -6.00 -25.29 1.61
O24 EVB I . -4.83 -24.78 10.17
O25 EVB I . -4.31 -25.68 7.97
O26 EVB I . -2.56 -25.21 9.52
O27 EVB I . -8.94 -20.52 12.53
O28 EVB I . -10.20 -18.59 11.84
O29 EVB I . -10.60 -20.72 10.81
O30 EVB I . -9.34 -14.13 10.33
O31 EVB I . -7.28 -12.91 10.08
O32 EVB I . -9.29 -12.15 8.96
FE HEC J . 20.10 11.82 -14.69
CHA HEC J . 21.61 8.99 -13.49
CHB HEC J . 20.86 13.38 -11.83
CHC HEC J . 19.53 14.75 -16.16
CHD HEC J . 19.54 10.24 -17.62
NA HEC J . 21.01 11.33 -13.06
C1A HEC J . 21.58 10.10 -12.70
C2A HEC J . 22.10 10.15 -11.38
C3A HEC J . 21.87 11.39 -10.91
C4A HEC J . 21.23 12.09 -11.94
CMA HEC J . 22.28 11.93 -9.57
CAA HEC J . 22.79 9.00 -10.65
CBA HEC J . 21.79 7.96 -10.05
CGA HEC J . 22.48 6.95 -9.12
O1A HEC J . 21.90 6.37 -8.24
O2A HEC J . 23.77 6.69 -9.26
NB HEC J . 20.09 13.64 -14.08
C1B HEC J . 20.32 14.11 -12.85
C2B HEC J . 20.08 15.53 -12.72
C3B HEC J . 19.84 15.97 -14.00
C4B HEC J . 19.82 14.73 -14.81
CMB HEC J . 20.19 16.31 -11.43
CAB HEC J . 19.50 17.30 -14.57
CBB HEC J . 19.67 18.44 -13.93
NC HEC J . 19.61 12.38 -16.50
C1C HEC J . 19.41 13.63 -16.94
C2C HEC J . 18.78 13.63 -18.19
C3C HEC J . 18.73 12.33 -18.62
C4C HEC J . 19.32 11.58 -17.56
CMC HEC J . 18.33 14.86 -18.93
CAC HEC J . 18.20 11.75 -19.88
CBC HEC J . 17.50 12.43 -20.76
ND HEC J . 20.48 10.01 -15.38
C1D HEC J . 20.14 9.53 -16.60
C2D HEC J . 20.50 8.12 -16.76
C3D HEC J . 21.11 7.76 -15.64
C4D HEC J . 21.09 8.96 -14.77
CMD HEC J . 20.22 7.29 -17.98
CAD HEC J . 21.66 6.39 -15.31
CBD HEC J . 23.16 6.37 -15.02
CGD HEC J . 23.88 5.25 -15.75
O1D HEC J . 23.39 4.18 -15.83
O2D HEC J . 25.06 5.41 -16.32
C39 7AZ K . 14.26 26.42 1.24
C40 7AZ K . 13.95 27.90 1.05
C26 7AZ K . 6.35 27.93 -5.68
C27 7AZ K . 7.83 28.05 -3.75
C28 7AZ K . 8.13 28.63 -2.40
C29 7AZ K . 9.18 29.72 -2.42
C30 7AZ K . 10.98 31.84 -2.35
C31 7AZ K . 10.51 29.49 -2.05
C32 7AZ K . 8.74 31.01 -2.71
C33 7AZ K . 9.64 32.07 -2.70
C34 7AZ K . 11.43 30.56 -1.99
C35 7AZ K . 12.92 30.40 -1.68
O38 7AZ K . 10.69 24.10 -4.14
C1 7AZ K . 12.32 24.54 3.95
C2 7AZ K . 11.93 25.36 1.30
C3 7AZ K . 11.12 24.24 3.29
C4 7AZ K . 13.33 25.25 3.27
C5 7AZ K . 13.13 25.68 1.95
C6 7AZ K . 10.93 24.63 1.96
C7 7AZ K . 9.61 24.32 1.30
C8 7AZ K . 9.65 23.01 0.52
C9 7AZ K . 9.67 20.55 -0.79
C10 7AZ K . 9.30 21.84 1.22
C11 7AZ K . 9.99 22.94 -0.84
C12 7AZ K . 9.96 21.71 -1.52
C13 7AZ K . 9.29 20.61 0.56
C14 7AZ K . 10.36 21.52 -2.98
C15 7AZ K . 9.40 22.09 -4.03
C16 7AZ K . 7.72 23.11 -6.02
C17 7AZ K . 8.34 21.32 -4.53
C18 7AZ K . 9.63 23.35 -4.58
C19 7AZ K . 8.77 23.89 -5.54
C20 7AZ K . 7.48 21.83 -5.50
C21 7AZ K . 9.02 25.27 -6.13
C22 7AZ K . 8.22 26.38 -5.47
C23 7AZ K . 6.70 28.52 -4.46
C24 7AZ K . 8.58 26.98 -4.25
C25 7AZ K . 7.12 26.89 -6.18
O72 7AZ K . 14.73 32.36 3.07
P51 7AZ K . 13.94 31.13 3.45
O52 7AZ K . 14.66 30.41 4.58
O63 7AZ K . 12.57 31.53 3.94
C44 7AZ K . 13.80 30.10 2.04
C43 7AZ K . 14.08 28.74 2.16
P49 7AZ K . 12.59 24.04 5.60
O62 7AZ K . 13.70 24.87 6.22
O61 7AZ K . 13.00 22.59 5.65
O50 7AZ K . 11.33 24.21 6.43
C41 7AZ K . 13.43 30.64 0.80
C45 7AZ K . 13.29 29.80 -0.32
C42 7AZ K . 13.61 28.44 -0.19
O48 7AZ K . 13.51 27.63 -1.29
O47 7AZ K . 10.88 28.21 -1.75
P53 7AZ K . 9.04 33.65 -3.15
O65 7AZ K . 8.76 33.67 -4.64
O64 7AZ K . 7.76 33.97 -2.41
O54 7AZ K . 10.09 34.70 -2.86
O46 7AZ K . 9.68 26.54 -3.56
P55 7AZ K . 4.98 28.51 -6.61
O69 7AZ K . 3.79 28.81 -5.73
O68 7AZ K . 4.56 27.48 -7.64
O56 7AZ K . 5.40 29.77 -7.34
P57 7AZ K . 6.12 20.90 -6.14
O67 7AZ K . 6.60 19.56 -6.62
O66 7AZ K . 5.46 21.61 -7.30
O58 7AZ K . 5.10 20.68 -5.07
P59 7AZ K . 8.90 19.14 1.43
O71 7AZ K . 7.42 19.01 1.69
O70 7AZ K . 9.37 17.94 0.64
O60 7AZ K . 9.60 19.15 2.77
O37 7AZ K . 10.31 24.10 -1.50
O36 7AZ K . 11.74 25.76 0.00
C11 EVB L . 38.17 20.56 -21.41
C12 EVB L . 36.85 20.31 -21.00
C13 EVB L . 36.04 19.48 -21.79
C14 EVB L . 36.38 20.84 -19.66
C15 EVB L . 32.54 14.50 -22.03
C17 EVB L . 32.53 12.27 -23.18
C18 EVB L . 32.09 11.39 -24.18
C19 EVB L . 31.17 11.84 -25.14
C20 EVB L . 30.68 13.15 -25.11
C21 EVB L . 31.15 14.01 -24.10
C22 EVB L . 35.34 21.95 -19.72
C23 EVB L . 33.96 21.73 -19.60
C1 EVB L . 36.49 16.06 -22.67
C2 EVB L . 35.39 16.77 -23.16
C3 EVB L . 34.09 16.28 -22.95
C4 EVB L . 33.92 15.06 -22.28
C5 EVB L . 35.02 14.37 -21.77
C6 EVB L . 36.31 14.87 -21.97
C7 EVB L . 35.64 18.08 -23.87
C8 EVB L . 36.51 18.98 -23.01
C9 EVB L . 37.82 19.25 -23.42
C10 EVB L . 38.65 20.06 -22.63
C16 EVB L . 32.07 13.59 -23.15
C24 EVB L . 33.05 22.79 -19.64
C25 EVB L . 33.55 24.09 -19.69
C26 EVB L . 34.92 24.34 -19.82
C27 EVB L . 35.82 23.27 -19.79
C28 EVB L . 31.55 22.51 -19.50
C29 EVB L . 29.70 13.54 -26.19
C30 EVB L . 30.59 23.00 -20.57
C31 EVB L . 29.22 22.64 -20.53
C32 EVB L . 28.31 23.10 -21.51
C33 EVB L . 28.77 23.97 -22.51
C34 EVB L . 30.12 24.34 -22.55
C35 EVB L . 31.02 23.85 -21.60
C36 EVB L . 28.26 13.22 -25.77
C37 EVB L . 27.64 12.05 -26.22
C38 EVB L . 26.32 11.77 -25.82
C39 EVB L . 25.62 12.66 -24.98
C40 EVB L . 26.23 13.84 -24.55
C41 EVB L . 27.56 14.10 -24.94
C42 EVB L . 26.84 22.74 -21.40
C43 EVB L . 25.47 14.78 -23.61
C44 EVB L . 26.08 22.33 -22.66
C45 EVB L . 26.35 21.15 -23.37
C46 EVB L . 25.55 20.78 -24.46
C47 EVB L . 24.51 21.61 -24.86
C48 EVB L . 24.19 22.76 -24.14
C49 EVB L . 24.98 23.11 -23.04
C50 EVB L . 24.89 16.01 -24.30
C51 EVB L . 23.55 15.96 -24.73
C52 EVB L . 22.94 17.05 -25.35
C53 EVB L . 23.68 18.23 -25.55
C54 EVB L . 25.00 18.33 -25.07
C55 EVB L . 25.61 17.21 -24.48
O1 EVB L . 27.42 20.35 -23.00
O2 EVB L . 28.78 21.82 -19.52
O3 EVB L . 33.48 20.45 -19.47
O4 EVB L . 34.77 19.19 -21.41
O5 EVB L . 33.02 16.97 -23.42
O6 EVB L . 30.72 15.31 -24.04
O7 EVB L . 28.18 15.22 -24.52
O8 EVB L . 26.88 17.35 -24.03
S64 EVB L . 22.95 23.67 -24.60
S65 EVB L . 30.67 25.29 -23.71
S66 EVB L . 35.45 25.85 -19.91
S67 EVB L . 40.13 20.35 -23.14
S68 EVB L . 37.61 14.13 -21.42
S69 EVB L . 32.60 9.88 -24.20
S70 EVB L . 25.65 10.41 -26.35
S71 EVB L . 21.42 16.94 -25.85
C72 EVB L . 25.84 19.58 -25.33
O9 EVB L . 23.44 24.98 -25.10
O10 EVB L . 22.18 23.00 -25.69
O11 EVB L . 22.04 23.88 -23.45
O12 EVB L . 29.77 26.45 -23.87
O13 EVB L . 32.04 25.79 -23.40
O14 EVB L . 30.71 24.53 -24.97
O15 EVB L . 35.39 26.46 -18.57
O16 EVB L . 36.86 25.89 -20.38
O17 EVB L . 34.60 26.63 -20.83
O18 EVB L . 40.12 20.89 -24.51
O19 EVB L . 40.89 19.07 -23.16
O20 EVB L . 40.84 21.31 -22.26
O21 EVB L . 38.34 15.06 -20.52
O22 EVB L . 37.23 12.91 -20.65
O23 EVB L . 38.48 13.75 -22.56
O24 EVB L . 32.28 9.25 -25.50
O25 EVB L . 34.08 9.86 -24.02
O26 EVB L . 31.96 9.12 -23.11
O27 EVB L . 24.31 10.20 -25.77
O28 EVB L . 25.55 10.45 -27.82
O29 EVB L . 26.52 9.28 -25.96
O30 EVB L . 20.68 15.96 -25.02
O31 EVB L . 20.72 18.24 -25.75
O32 EVB L . 21.38 16.50 -27.27
FE HEC M . -8.14 18.13 14.14
CHA HEC M . -10.41 15.90 13.04
CHB HEC M . -8.01 19.51 11.08
CHC HEC M . -6.73 20.91 15.41
CHD HEC M . -8.46 16.91 17.29
NA HEC M . -8.99 17.77 12.46
C1A HEC M . -9.91 16.80 12.15
C2A HEC M . -10.27 16.85 10.81
C3A HEC M . -9.57 17.83 10.25
C4A HEC M . -8.81 18.42 11.26
CMA HEC M . -9.65 18.27 8.84
CAA HEC M . -11.26 15.96 10.11
CBA HEC M . -10.60 14.77 9.43
CGA HEC M . -11.64 13.87 8.78
O1A HEC M . -11.33 12.81 8.29
O2A HEC M . -12.93 14.22 8.74
NB HEC M . -7.41 19.76 13.38
C1B HEC M . -7.33 20.12 12.10
C2B HEC M . -6.55 21.30 11.91
C3B HEC M . -6.32 21.80 13.14
C4B HEC M . -6.86 20.78 14.05
CMB HEC M . -6.20 21.89 10.58
CAB HEC M . -5.58 22.97 13.63
CBB HEC M . -5.50 24.10 12.98
NC HEC M . -7.70 18.77 15.94
C1C HEC M . -7.11 19.95 16.28
C2C HEC M . -6.63 19.93 17.59
C3C HEC M . -7.08 18.75 18.17
C4C HEC M . -7.79 18.07 17.12
CMC HEC M . -5.84 21.06 18.23
CAC HEC M . -6.90 18.22 19.56
CBC HEC M . -6.07 18.73 20.45
ND HEC M . -9.16 16.68 14.96
C1D HEC M . -9.16 16.30 16.25
C2D HEC M . -10.04 15.13 16.47
C3D HEC M . -10.58 14.84 15.29
C4D HEC M . -10.02 15.84 14.36
CMD HEC M . -10.28 14.44 17.78
CAD HEC M . -11.54 13.73 14.94
CBD HEC M . -13.00 14.24 14.88
CGD HEC M . -14.02 13.21 15.37
O1D HEC M . -13.71 12.05 15.64
O2D HEC M . -15.32 13.57 15.49
C39 7AZ N . 7.56 26.04 5.39
C40 7AZ N . 7.37 24.60 4.97
C26 7AZ N . 4.03 25.23 -4.31
C27 7AZ N . 5.65 25.12 -2.49
C28 7AZ N . 6.85 24.42 -1.88
C29 7AZ N . 6.43 23.24 -1.01
C30 7AZ N . 5.65 21.06 0.57
C31 7AZ N . 6.03 23.43 0.34
C32 7AZ N . 6.43 21.95 -1.54
C33 7AZ N . 6.04 20.84 -0.76
C34 7AZ N . 5.68 22.34 1.15
C35 7AZ N . 5.19 22.50 2.59
O38 7AZ N . 4.27 28.92 0.61
C1 7AZ N . 10.87 27.87 5.03
C2 7AZ N . 8.68 27.25 3.41
C3 7AZ N . 10.84 28.29 3.70
C4 7AZ N . 9.80 27.13 5.55
C5 7AZ N . 8.71 26.79 4.74
C6 7AZ N . 9.75 28.01 2.89
C7 7AZ N . 9.77 28.53 1.45
C8 7AZ N . 9.12 29.90 1.32
C9 7AZ N . 7.90 32.44 1.11
C10 7AZ N . 9.90 31.07 1.35
C11 7AZ N . 7.72 30.02 1.16
C12 7AZ N . 7.12 31.28 1.03
C13 7AZ N . 9.29 32.34 1.26
C14 7AZ N . 5.62 31.44 0.91
C15 7AZ N . 5.05 30.94 -0.41
C16 7AZ N . 3.90 30.11 -2.82
C17 7AZ N . 5.12 31.76 -1.54
C18 7AZ N . 4.37 29.72 -0.49
C19 7AZ N . 3.84 29.27 -1.71
C20 7AZ N . 4.57 31.33 -2.74
C21 7AZ N . 3.10 27.95 -1.83
C22 7AZ N . 3.89 26.83 -2.48
C23 7AZ N . 5.16 24.65 -3.72
C24 7AZ N . 5.00 26.21 -1.88
C25 7AZ N . 3.40 26.31 -3.69
O72 7AZ N . 8.62 21.11 7.54
P51 7AZ N . 8.93 21.07 6.06
O52 7AZ N . 10.40 21.39 5.88
O63 7AZ N . 8.65 19.68 5.53
C44 7AZ N . 7.97 22.27 5.24
C43 7AZ N . 8.12 23.61 5.59
P49 7AZ N . 12.24 28.24 6.07
O62 7AZ N . 12.07 27.54 7.40
O61 7AZ N . 12.30 29.73 6.29
O50 7AZ N . 13.52 27.77 5.42
C41 7AZ N . 7.01 21.91 4.27
C45 7AZ N . 6.25 22.89 3.62
C42 7AZ N . 6.41 24.23 4.02
O48 7AZ N . 5.66 25.21 3.46
O47 7AZ N . 6.04 24.67 0.87
P53 7AZ N . 6.03 19.20 -1.40
O65 7AZ N . 5.37 19.15 -2.75
O64 7AZ N . 7.43 18.66 -1.53
O54 7AZ N . 5.27 18.27 -0.48
O46 7AZ N . 5.48 26.72 -0.70
P55 7AZ N . 3.43 24.64 -5.85
O69 7AZ N . 4.61 24.43 -6.78
O68 7AZ N . 2.45 25.61 -6.45
O56 7AZ N . 2.70 23.33 -5.66
P57 7AZ N . 4.66 32.37 -4.14
O67 7AZ N . 4.07 33.71 -3.78
O66 7AZ N . 3.87 31.77 -5.29
O58 7AZ N . 6.10 32.54 -4.54
P59 7AZ N . 10.24 33.82 1.30
O71 7AZ N . 9.42 34.95 1.88
O70 7AZ N . 11.49 33.60 2.12
O60 7AZ N . 10.66 34.21 -0.10
O37 7AZ N . 6.95 28.90 1.10
O36 7AZ N . 7.61 26.92 2.64
#